data_4LV1
#
_entry.id   4LV1
#
_cell.length_a   118.580
_cell.length_b   77.540
_cell.length_c   97.640
_cell.angle_alpha   90.00
_cell.angle_beta   116.46
_cell.angle_gamma   90.00
#
_symmetry.space_group_name_H-M   'C 1 2 1'
#
loop_
_entity.id
_entity.type
_entity.pdbx_description
1 polymer Beta-lactamase
2 non-polymer '[1-(3-chlorophenyl)-1H-pyrazol-4-yl]boronic acid'
3 non-polymer 'PHOSPHATE ION'
4 water water
#
_entity_poly.entity_id   1
_entity_poly.type   'polypeptide(L)'
_entity_poly.pdbx_seq_one_letter_code
;APQQINDIVHRTITPLIEQQKIPGMAVAVIYQGKPYYFTWGYADIAKKQPVTQQTLFELGSVSKTFTGVLGGDAIARGEI
KLSDPTTKYWPELTAKQWNGITLLHLATYTAGGLPLQVPDEVKSSSDLLRFYQNWQPAWAPGTQRLYANSSIGLFGALAV
KPSGLSFEQAMQTRVFQPLKLNHTWINVPPAEEKNYAWGYREGKAVHVSPGALDAEAYGVKSTIEDMARWVQSNLKPLDI
NEKTLQQGIQLAQSRYWQTGDMYQGLGWEMLDWPVNPDSIINGSDNKIALAARPVKAITPPTPAVRASWVHKTGATGGFG
SYVAFIPEKELGIVMLANKNYPNPARVDAAWQILNALQ
;
_entity_poly.pdbx_strand_id   A,B
#
loop_
_chem_comp.id
_chem_comp.type
_chem_comp.name
_chem_comp.formula
NL9 non-polymer '[1-(3-chlorophenyl)-1H-pyrazol-4-yl]boronic acid' 'C9 H8 B Cl N2 O2'
PO4 non-polymer 'PHOSPHATE ION' 'O4 P -3'
#
# COMPACT_ATOMS: atom_id res chain seq x y z
N ALA A 1 -17.04 22.01 24.37
CA ALA A 1 -17.26 20.72 25.03
C ALA A 1 -18.77 20.44 25.08
N PRO A 2 -19.30 19.91 23.97
CA PRO A 2 -20.74 19.69 23.79
C PRO A 2 -21.26 18.81 24.91
N GLN A 3 -22.47 19.08 25.35
CA GLN A 3 -22.98 18.40 26.54
C GLN A 3 -23.08 16.91 26.33
N GLN A 4 -23.41 16.51 25.11
CA GLN A 4 -23.49 15.09 24.79
C GLN A 4 -22.21 14.37 25.11
N ILE A 5 -21.08 14.99 24.75
CA ILE A 5 -19.78 14.38 25.00
C ILE A 5 -19.47 14.38 26.48
N ASN A 6 -19.68 15.52 27.13
CA ASN A 6 -19.49 15.57 28.56
C ASN A 6 -20.28 14.46 29.28
N ASP A 7 -21.55 14.36 28.95
CA ASP A 7 -22.40 13.40 29.63
C ASP A 7 -21.99 11.97 29.37
N ILE A 8 -21.75 11.60 28.11
CA ILE A 8 -21.43 10.17 27.91
C ILE A 8 -20.07 9.83 28.45
N VAL A 9 -19.12 10.75 28.36
CA VAL A 9 -17.82 10.44 28.98
C VAL A 9 -17.95 10.28 30.49
N HIS A 10 -18.53 11.28 31.18
CA HIS A 10 -18.60 11.15 32.62
C HIS A 10 -19.45 9.99 33.10
N ARG A 11 -20.56 9.74 32.41
CA ARG A 11 -21.46 8.65 32.79
CA ARG A 11 -21.42 8.65 32.86
C ARG A 11 -20.81 7.27 32.70
N THR A 12 -19.80 7.16 31.83
CA THR A 12 -19.16 5.88 31.59
C THR A 12 -17.91 5.75 32.47
N ILE A 13 -17.13 6.82 32.55
CA ILE A 13 -15.82 6.76 33.15
C ILE A 13 -15.87 6.82 34.67
N THR A 14 -16.81 7.61 35.21
CA THR A 14 -16.91 7.70 36.64
C THR A 14 -17.14 6.34 37.33
N PRO A 15 -18.12 5.55 36.85
CA PRO A 15 -18.33 4.24 37.46
C PRO A 15 -17.16 3.30 37.20
N LEU A 16 -16.47 3.46 36.07
CA LEU A 16 -15.32 2.64 35.73
C LEU A 16 -14.21 2.89 36.75
N ILE A 17 -13.93 4.15 37.04
CA ILE A 17 -12.92 4.50 38.03
C ILE A 17 -13.26 3.93 39.39
N GLU A 18 -14.55 4.01 39.76
CA GLU A 18 -15.00 3.48 41.03
C GLU A 18 -14.87 1.95 41.10
N GLN A 19 -15.36 1.25 40.10
CA GLN A 19 -15.29 -0.22 40.10
C GLN A 19 -13.85 -0.76 40.10
N GLN A 20 -12.98 -0.08 39.36
CA GLN A 20 -11.65 -0.59 39.14
C GLN A 20 -10.64 0.01 40.13
N LYS A 21 -11.09 0.93 40.96
CA LYS A 21 -10.21 1.63 41.91
C LYS A 21 -8.99 2.25 41.24
N ILE A 22 -9.27 2.93 40.14
CA ILE A 22 -8.19 3.64 39.38
C ILE A 22 -7.78 4.94 40.07
N PRO A 23 -6.48 5.10 40.38
CA PRO A 23 -6.08 6.30 41.11
C PRO A 23 -6.21 7.58 40.29
N GLY A 24 -5.89 7.50 39.01
CA GLY A 24 -5.83 8.68 38.15
C GLY A 24 -6.14 8.28 36.71
N MET A 25 -6.85 9.15 35.97
CA MET A 25 -7.15 8.81 34.58
C MET A 25 -7.25 10.07 33.74
N ALA A 26 -6.85 9.98 32.48
CA ALA A 26 -7.12 11.05 31.52
C ALA A 26 -7.79 10.42 30.29
N VAL A 27 -8.73 11.15 29.70
CA VAL A 27 -9.43 10.66 28.51
C VAL A 27 -9.48 11.78 27.49
N ALA A 28 -9.26 11.44 26.22
CA ALA A 28 -9.52 12.39 25.11
C ALA A 28 -10.53 11.75 24.19
N VAL A 29 -11.53 12.52 23.78
CA VAL A 29 -12.41 12.06 22.73
C VAL A 29 -12.11 12.97 21.52
N ILE A 30 -11.90 12.36 20.36
CA ILE A 30 -11.75 13.11 19.14
C ILE A 30 -13.08 13.01 18.42
N TYR A 31 -13.74 14.16 18.25
CA TYR A 31 -15.10 14.17 17.69
C TYR A 31 -15.10 15.13 16.53
N GLN A 32 -15.52 14.63 15.37
CA GLN A 32 -15.40 15.40 14.12
C GLN A 32 -13.99 16.00 14.02
N GLY A 33 -13.00 15.18 14.35
CA GLY A 33 -11.63 15.68 14.26
C GLY A 33 -11.05 16.54 15.38
N LYS A 34 -11.87 17.07 16.29
CA LYS A 34 -11.39 17.94 17.39
C LYS A 34 -11.32 17.18 18.73
N PRO A 35 -10.32 17.50 19.59
CA PRO A 35 -10.21 16.74 20.83
C PRO A 35 -10.88 17.43 21.98
N TYR A 36 -11.40 16.62 22.91
CA TYR A 36 -11.98 17.13 24.14
C TYR A 36 -11.40 16.30 25.26
N TYR A 37 -10.96 16.96 26.34
CA TYR A 37 -10.16 16.30 27.35
C TYR A 37 -10.86 16.22 28.69
N PHE A 38 -10.59 15.16 29.43
CA PHE A 38 -11.22 14.89 30.73
C PHE A 38 -10.16 14.28 31.64
N THR A 39 -10.06 14.76 32.87
CA THR A 39 -9.14 14.13 33.82
C THR A 39 -9.79 13.90 35.18
N TRP A 40 -9.27 12.91 35.92
CA TRP A 40 -9.75 12.54 37.24
C TRP A 40 -8.58 12.12 38.11
N GLY A 41 -8.67 12.40 39.41
CA GLY A 41 -7.80 11.68 40.33
C GLY A 41 -6.35 12.12 40.33
N TYR A 42 -5.48 11.17 40.70
CA TYR A 42 -4.12 11.52 41.11
C TYR A 42 -3.06 10.87 40.23
N ALA A 43 -2.12 11.69 39.78
CA ALA A 43 -0.88 11.21 39.17
C ALA A 43 0.08 10.68 40.22
N ASP A 44 0.05 11.27 41.42
CA ASP A 44 0.93 10.86 42.51
C ASP A 44 0.12 10.98 43.80
N ILE A 45 -0.28 9.85 44.36
CA ILE A 45 -1.16 9.87 45.53
C ILE A 45 -0.47 10.47 46.74
N ALA A 46 0.76 10.03 46.99
CA ALA A 46 1.54 10.50 48.11
C ALA A 46 1.75 12.01 48.12
N LYS A 47 2.08 12.58 46.96
CA LYS A 47 2.36 14.01 46.89
C LYS A 47 1.13 14.84 46.50
N LYS A 48 -0.01 14.18 46.42
CA LYS A 48 -1.28 14.84 46.09
C LYS A 48 -1.28 15.60 44.76
N GLN A 49 -0.57 15.06 43.76
CA GLN A 49 -0.50 15.69 42.43
C GLN A 49 -1.64 15.16 41.58
N PRO A 50 -2.50 16.06 41.07
CA PRO A 50 -3.65 15.65 40.26
C PRO A 50 -3.19 15.21 38.86
N VAL A 51 -3.98 14.39 38.20
CA VAL A 51 -3.81 14.16 36.75
C VAL A 51 -4.23 15.44 36.01
N THR A 52 -3.40 15.91 35.08
CA THR A 52 -3.73 17.06 34.26
C THR A 52 -3.53 16.68 32.79
N GLN A 53 -3.78 17.62 31.88
CA GLN A 53 -3.56 17.36 30.44
C GLN A 53 -2.11 17.23 30.09
N GLN A 54 -1.24 17.53 31.06
CA GLN A 54 0.21 17.43 30.84
C GLN A 54 0.86 16.23 31.55
N THR A 55 0.06 15.44 32.26
CA THR A 55 0.63 14.28 32.95
C THR A 55 1.08 13.24 31.95
N LEU A 56 2.29 12.70 32.14
CA LEU A 56 2.76 11.57 31.36
C LEU A 56 2.32 10.24 31.96
N PHE A 57 1.87 9.34 31.09
CA PHE A 57 1.51 7.99 31.50
C PHE A 57 2.35 6.99 30.72
N GLU A 58 2.65 5.81 31.28
CA GLU A 58 3.29 4.76 30.48
C GLU A 58 2.25 4.18 29.55
N LEU A 59 2.57 4.13 28.26
CA LEU A 59 1.60 3.61 27.30
C LEU A 59 1.69 2.11 27.18
N GLY A 60 2.73 1.49 27.73
CA GLY A 60 2.87 0.05 27.55
C GLY A 60 2.80 -0.32 26.07
N SER A 61 2.07 -1.39 25.72
CA SER A 61 2.06 -1.82 24.33
C SER A 61 1.32 -0.94 23.32
N VAL A 62 0.70 0.16 23.76
CA VAL A 62 0.29 1.15 22.74
C VAL A 62 1.54 1.67 22.00
N SER A 63 2.71 1.53 22.62
CA SER A 63 3.99 1.86 21.97
C SER A 63 4.16 1.08 20.67
N LYS A 64 3.60 -0.12 20.61
CA LYS A 64 3.70 -0.93 19.37
C LYS A 64 3.11 -0.22 18.16
N THR A 65 2.12 0.67 18.36
CA THR A 65 1.60 1.43 17.23
C THR A 65 2.64 2.45 16.71
N PHE A 66 3.43 3.02 17.60
CA PHE A 66 4.52 3.92 17.13
C PHE A 66 5.61 3.12 16.41
N THR A 67 5.95 1.97 17.00
CA THR A 67 6.94 1.11 16.32
C THR A 67 6.44 0.72 14.94
N GLY A 68 5.16 0.38 14.83
CA GLY A 68 4.62 -0.04 13.55
C GLY A 68 4.64 1.07 12.51
N VAL A 69 4.25 2.27 12.92
CA VAL A 69 4.31 3.43 12.00
C VAL A 69 5.75 3.79 11.62
N LEU A 70 6.67 3.71 12.58
CA LEU A 70 8.08 4.02 12.28
C LEU A 70 8.63 3.01 11.28
N GLY A 71 8.25 1.74 11.42
CA GLY A 71 8.61 0.72 10.43
C GLY A 71 7.99 1.06 9.10
N GLY A 72 6.71 1.41 9.12
CA GLY A 72 6.03 1.82 7.90
C GLY A 72 6.75 2.96 7.17
N ASP A 73 7.25 3.91 7.95
CA ASP A 73 7.96 5.05 7.39
C ASP A 73 9.27 4.58 6.76
N ALA A 74 9.91 3.59 7.37
CA ALA A 74 11.18 3.09 6.84
C ALA A 74 10.95 2.34 5.52
N ILE A 75 9.82 1.65 5.42
CA ILE A 75 9.41 1.02 4.16
C ILE A 75 9.19 2.09 3.11
N ALA A 76 8.43 3.13 3.49
CA ALA A 76 8.14 4.22 2.55
C ALA A 76 9.42 4.94 2.09
N ARG A 77 10.42 4.98 2.98
CA ARG A 77 11.72 5.57 2.64
C ARG A 77 12.56 4.71 1.70
N GLY A 78 12.12 3.47 1.47
CA GLY A 78 12.85 2.47 0.71
C GLY A 78 14.06 1.88 1.44
N GLU A 79 14.10 2.05 2.76
CA GLU A 79 15.20 1.55 3.58
C GLU A 79 15.10 0.04 3.89
N ILE A 80 13.87 -0.44 4.03
CA ILE A 80 13.62 -1.85 4.31
C ILE A 80 12.42 -2.30 3.46
N LYS A 81 12.24 -3.62 3.32
CA LYS A 81 11.03 -4.20 2.73
C LYS A 81 10.50 -5.27 3.67
N LEU A 82 9.18 -5.32 3.86
CA LEU A 82 8.65 -6.36 4.73
C LEU A 82 8.88 -7.76 4.19
N SER A 83 9.15 -7.86 2.89
CA SER A 83 9.44 -9.14 2.30
C SER A 83 10.89 -9.56 2.54
N ASP A 84 11.72 -8.66 3.05
CA ASP A 84 13.16 -8.97 3.30
C ASP A 84 13.29 -10.06 4.40
N PRO A 85 14.21 -11.00 4.22
CA PRO A 85 14.58 -11.94 5.29
C PRO A 85 15.12 -11.21 6.50
N THR A 86 14.78 -11.70 7.70
CA THR A 86 15.32 -11.09 8.92
C THR A 86 16.86 -11.02 8.83
N THR A 87 17.44 -12.05 8.23
CA THR A 87 18.91 -12.17 8.18
C THR A 87 19.59 -11.09 7.34
N LYS A 88 18.85 -10.48 6.43
CA LYS A 88 19.38 -9.33 5.71
C LYS A 88 19.89 -8.19 6.62
N TYR A 89 19.21 -7.94 7.73
CA TYR A 89 19.56 -6.86 8.66
C TYR A 89 20.29 -7.37 9.89
N TRP A 90 20.39 -8.68 10.03
CA TRP A 90 21.09 -9.29 11.17
C TRP A 90 21.78 -10.54 10.63
N PRO A 91 22.83 -10.34 9.85
CA PRO A 91 23.63 -11.42 9.24
C PRO A 91 24.16 -12.44 10.26
N GLU A 92 24.40 -12.01 11.49
CA GLU A 92 24.84 -12.91 12.54
C GLU A 92 23.78 -13.97 12.94
N LEU A 93 22.53 -13.73 12.55
CA LEU A 93 21.48 -14.70 12.80
C LEU A 93 21.56 -15.84 11.81
N THR A 94 22.56 -16.72 11.98
CA THR A 94 22.85 -17.78 11.02
C THR A 94 22.08 -19.10 11.22
N ALA A 95 21.36 -19.25 12.32
CA ALA A 95 20.74 -20.55 12.60
C ALA A 95 19.62 -20.86 11.58
N LYS A 96 19.48 -22.14 11.19
CA LYS A 96 18.65 -22.51 10.03
C LYS A 96 17.17 -22.24 10.19
N GLN A 97 16.69 -22.14 11.43
CA GLN A 97 15.28 -21.87 11.63
C GLN A 97 14.87 -20.50 11.13
N TRP A 98 15.82 -19.59 10.93
CA TRP A 98 15.51 -18.24 10.46
C TRP A 98 15.27 -18.15 8.96
N ASN A 99 15.62 -19.21 8.24
CA ASN A 99 15.36 -19.26 6.81
C ASN A 99 13.89 -19.16 6.53
N GLY A 100 13.46 -18.13 5.82
CA GLY A 100 12.03 -18.02 5.56
C GLY A 100 11.28 -17.09 6.51
N ILE A 101 11.94 -16.60 7.57
CA ILE A 101 11.32 -15.64 8.49
C ILE A 101 11.69 -14.22 8.09
N THR A 102 10.66 -13.45 7.70
CA THR A 102 10.84 -12.13 7.11
C THR A 102 10.49 -11.04 8.13
N LEU A 103 10.80 -9.78 7.79
CA LEU A 103 10.41 -8.66 8.64
C LEU A 103 8.89 -8.62 8.80
N LEU A 104 8.13 -9.02 7.78
CA LEU A 104 6.69 -9.12 7.93
C LEU A 104 6.27 -10.01 9.12
N HIS A 105 6.86 -11.21 9.16
CA HIS A 105 6.57 -12.15 10.26
C HIS A 105 6.92 -11.54 11.60
N LEU A 106 8.09 -10.88 11.71
CA LEU A 106 8.40 -10.24 12.98
C LEU A 106 7.39 -9.16 13.37
N ALA A 107 7.05 -8.31 12.42
CA ALA A 107 6.19 -7.18 12.69
C ALA A 107 4.79 -7.57 13.13
N THR A 108 4.34 -8.77 12.74
CA THR A 108 2.95 -9.17 12.86
C THR A 108 2.76 -10.41 13.75
N TYR A 109 3.82 -10.80 14.46
CA TYR A 109 3.78 -11.90 15.46
C TYR A 109 3.58 -13.28 14.82
N THR A 110 4.01 -13.41 13.57
CA THR A 110 3.75 -14.63 12.81
C THR A 110 4.99 -15.44 12.45
N ALA A 111 6.08 -15.23 13.19
CA ALA A 111 7.35 -15.90 12.86
C ALA A 111 7.34 -17.39 13.18
N GLY A 112 6.39 -17.80 14.02
CA GLY A 112 6.29 -19.22 14.34
C GLY A 112 6.45 -19.48 15.81
N GLY A 113 6.04 -18.53 16.65
CA GLY A 113 6.10 -18.79 18.08
C GLY A 113 7.18 -18.11 18.89
N LEU A 114 7.69 -16.97 18.42
CA LEU A 114 8.55 -16.16 19.28
C LEU A 114 7.75 -15.80 20.55
N PRO A 115 8.41 -15.83 21.71
CA PRO A 115 7.71 -15.74 23.01
C PRO A 115 7.26 -14.32 23.35
N LEU A 116 6.21 -14.27 24.16
CA LEU A 116 5.66 -12.99 24.61
C LEU A 116 6.76 -12.09 25.16
N GLN A 117 7.58 -12.65 26.08
CA GLN A 117 8.64 -11.84 26.70
C GLN A 117 10.03 -12.29 26.30
N VAL A 118 10.93 -11.31 26.23
CA VAL A 118 12.36 -11.61 26.14
C VAL A 118 12.74 -11.97 27.54
N PRO A 119 13.52 -13.04 27.73
CA PRO A 119 13.77 -13.47 29.11
C PRO A 119 14.53 -12.41 29.92
N ASP A 120 14.20 -12.27 31.21
CA ASP A 120 14.80 -11.23 32.03
C ASP A 120 16.30 -11.29 32.08
N GLU A 121 16.81 -12.51 31.99
CA GLU A 121 18.23 -12.82 31.95
CA GLU A 121 18.26 -12.67 32.03
C GLU A 121 18.95 -12.21 30.75
N VAL A 122 18.19 -11.78 29.75
CA VAL A 122 18.83 -11.20 28.59
C VAL A 122 19.12 -9.73 28.88
N LYS A 123 20.39 -9.46 29.19
CA LYS A 123 20.79 -8.12 29.61
C LYS A 123 21.64 -7.48 28.53
N SER A 124 22.57 -8.23 27.93
CA SER A 124 23.52 -7.69 26.97
C SER A 124 23.06 -7.87 25.51
N SER A 125 23.78 -7.29 24.54
CA SER A 125 23.37 -7.56 23.17
C SER A 125 23.81 -8.96 22.69
N SER A 126 24.90 -9.48 23.22
CA SER A 126 25.33 -10.82 22.86
C SER A 126 24.33 -11.85 23.45
N ASP A 127 23.75 -11.50 24.60
CA ASP A 127 22.67 -12.26 25.21
C ASP A 127 21.48 -12.31 24.28
N LEU A 128 21.21 -11.20 23.58
CA LEU A 128 20.05 -11.14 22.69
C LEU A 128 20.29 -12.01 21.45
N LEU A 129 21.52 -11.95 20.90
CA LEU A 129 21.83 -12.75 19.71
C LEU A 129 21.69 -14.24 20.06
N ARG A 130 22.22 -14.60 21.21
CA ARG A 130 22.18 -15.98 21.69
C ARG A 130 20.74 -16.46 21.81
N PHE A 131 19.89 -15.61 22.38
CA PHE A 131 18.49 -15.97 22.57
C PHE A 131 17.77 -16.25 21.22
N TYR A 132 17.94 -15.37 20.23
CA TYR A 132 17.26 -15.59 18.97
C TYR A 132 17.89 -16.77 18.19
N GLN A 133 19.19 -16.96 18.33
CA GLN A 133 19.86 -18.07 17.63
C GLN A 133 19.34 -19.41 18.18
N ASN A 134 19.05 -19.43 19.48
CA ASN A 134 18.69 -20.70 20.11
C ASN A 134 17.20 -20.99 20.11
N TRP A 135 16.41 -19.95 19.78
CA TRP A 135 14.95 -20.07 19.77
C TRP A 135 14.48 -21.07 18.73
N GLN A 136 13.59 -21.99 19.14
CA GLN A 136 13.07 -23.02 18.23
C GLN A 136 11.59 -22.76 17.95
N PRO A 137 11.24 -22.51 16.69
CA PRO A 137 9.83 -22.29 16.36
C PRO A 137 8.98 -23.56 16.56
N ALA A 138 7.77 -23.34 16.98
CA ALA A 138 6.77 -24.38 17.13
C ALA A 138 6.05 -24.57 15.82
N TRP A 139 6.03 -23.53 15.00
CA TRP A 139 5.24 -23.51 13.77
C TRP A 139 6.03 -22.94 12.60
N ALA A 140 5.66 -23.37 11.41
CA ALA A 140 6.15 -22.72 10.19
C ALA A 140 5.83 -21.23 10.19
N PRO A 141 6.69 -20.42 9.53
CA PRO A 141 6.41 -19.00 9.41
C PRO A 141 5.08 -18.73 8.70
N GLY A 142 4.40 -17.66 9.10
CA GLY A 142 3.15 -17.28 8.50
C GLY A 142 1.97 -18.25 8.61
N THR A 143 1.93 -19.00 9.70
CA THR A 143 0.86 -19.95 9.92
C THR A 143 0.09 -19.67 11.19
N GLN A 144 0.77 -19.17 12.22
CA GLN A 144 0.11 -18.87 13.50
C GLN A 144 0.57 -17.55 14.10
N ARG A 145 -0.37 -16.86 14.74
CA ARG A 145 -0.10 -15.61 15.44
C ARG A 145 0.05 -15.83 16.92
N LEU A 146 1.14 -15.32 17.48
CA LEU A 146 1.34 -15.32 18.93
C LEU A 146 1.89 -13.96 19.35
N TYR A 147 1.04 -13.16 19.97
CA TYR A 147 1.39 -11.79 20.34
C TYR A 147 2.68 -11.81 21.13
N ALA A 148 3.66 -10.98 20.75
CA ALA A 148 4.97 -11.17 21.33
C ALA A 148 5.88 -9.92 21.25
N ASN A 149 6.45 -9.55 22.38
CA ASN A 149 7.46 -8.46 22.42
C ASN A 149 8.73 -8.84 21.69
N SER A 150 9.10 -10.11 21.79
CA SER A 150 10.32 -10.56 21.15
C SER A 150 10.20 -10.53 19.61
N SER A 151 8.97 -10.43 19.12
CA SER A 151 8.69 -10.45 17.68
C SER A 151 8.69 -9.01 17.19
N ILE A 152 7.73 -8.18 17.64
CA ILE A 152 7.68 -6.82 17.08
C ILE A 152 8.83 -5.95 17.60
N GLY A 153 9.34 -6.29 18.77
CA GLY A 153 10.45 -5.54 19.35
C GLY A 153 11.67 -5.68 18.43
N LEU A 154 11.90 -6.90 17.95
CA LEU A 154 13.06 -7.11 17.04
C LEU A 154 12.82 -6.41 15.70
N PHE A 155 11.58 -6.47 15.22
CA PHE A 155 11.24 -5.76 13.98
C PHE A 155 11.63 -4.28 14.15
N GLY A 156 11.28 -3.67 15.29
CA GLY A 156 11.56 -2.23 15.42
C GLY A 156 13.05 -1.98 15.45
N ALA A 157 13.78 -2.83 16.15
CA ALA A 157 15.24 -2.62 16.18
C ALA A 157 15.89 -2.81 14.79
N LEU A 158 15.38 -3.74 14.00
CA LEU A 158 15.99 -3.99 12.68
C LEU A 158 15.55 -2.94 11.67
N ALA A 159 14.31 -2.49 11.81
CA ALA A 159 13.73 -1.56 10.86
C ALA A 159 14.54 -0.27 10.75
N VAL A 160 15.21 0.13 11.84
CA VAL A 160 15.94 1.40 11.82
C VAL A 160 17.43 1.20 11.50
N LYS A 161 17.87 -0.03 11.24
CA LYS A 161 19.30 -0.25 11.05
C LYS A 161 19.86 0.49 9.82
N PRO A 162 19.16 0.42 8.67
CA PRO A 162 19.72 1.11 7.50
C PRO A 162 19.88 2.62 7.73
N SER A 163 18.96 3.25 8.45
CA SER A 163 19.08 4.68 8.75
C SER A 163 20.39 5.00 9.50
N GLY A 164 20.92 4.03 10.23
CA GLY A 164 22.06 4.28 11.11
C GLY A 164 21.68 4.97 12.40
N LEU A 165 20.41 5.38 12.52
CA LEU A 165 19.96 6.09 13.73
C LEU A 165 19.66 5.07 14.81
N SER A 166 19.84 5.47 16.07
CA SER A 166 19.34 4.64 17.15
C SER A 166 17.82 4.60 17.05
N PHE A 167 17.23 3.59 17.66
CA PHE A 167 15.76 3.49 17.65
C PHE A 167 15.13 4.79 18.21
N GLU A 168 15.65 5.30 19.31
CA GLU A 168 15.08 6.49 19.92
C GLU A 168 15.25 7.72 19.02
N GLN A 169 16.43 7.86 18.38
CA GLN A 169 16.62 8.98 17.49
C GLN A 169 15.72 8.92 16.28
N ALA A 170 15.56 7.74 15.71
CA ALA A 170 14.69 7.56 14.57
C ALA A 170 13.26 7.93 14.98
N MET A 171 12.79 7.38 16.11
CA MET A 171 11.44 7.68 16.55
C MET A 171 11.24 9.17 16.79
N GLN A 172 12.20 9.82 17.46
CA GLN A 172 12.09 11.27 17.71
C GLN A 172 12.04 12.07 16.42
N THR A 173 12.99 11.80 15.53
CA THR A 173 13.15 12.67 14.36
C THR A 173 12.09 12.39 13.27
N ARG A 174 11.65 11.13 13.17
CA ARG A 174 10.80 10.71 12.05
C ARG A 174 9.32 10.62 12.38
N VAL A 175 9.02 10.50 13.67
CA VAL A 175 7.62 10.36 14.08
C VAL A 175 7.21 11.46 15.06
N PHE A 176 7.89 11.57 16.22
CA PHE A 176 7.41 12.49 17.27
C PHE A 176 7.48 13.94 16.81
N GLN A 177 8.66 14.32 16.31
CA GLN A 177 8.88 15.69 15.87
C GLN A 177 7.94 16.16 14.75
N PRO A 178 7.83 15.39 13.64
CA PRO A 178 6.95 15.89 12.57
C PRO A 178 5.49 16.04 13.01
N LEU A 179 5.08 15.22 13.99
CA LEU A 179 3.70 15.22 14.45
C LEU A 179 3.48 16.17 15.63
N LYS A 180 4.53 16.89 16.01
CA LYS A 180 4.49 17.83 17.14
C LYS A 180 4.09 17.14 18.44
N LEU A 181 4.59 15.92 18.60
CA LEU A 181 4.38 15.20 19.86
C LEU A 181 5.57 15.58 20.72
N ASN A 182 5.54 16.80 21.27
CA ASN A 182 6.66 17.35 22.03
C ASN A 182 6.73 16.99 23.52
N HIS A 183 5.78 16.16 23.97
CA HIS A 183 5.72 15.64 25.33
C HIS A 183 5.47 14.12 25.29
N THR A 184 6.14 13.46 24.34
CA THR A 184 6.11 12.02 24.19
C THR A 184 7.57 11.56 24.17
N TRP A 185 7.86 10.53 24.96
CA TRP A 185 9.25 10.18 25.28
C TRP A 185 9.46 8.66 25.38
N ILE A 186 10.62 8.21 24.95
CA ILE A 186 11.09 6.84 25.18
CA ILE A 186 11.02 6.83 25.21
C ILE A 186 11.77 6.82 26.54
N ASN A 187 12.53 7.89 26.79
CA ASN A 187 13.16 8.12 28.07
C ASN A 187 12.74 9.50 28.57
N VAL A 188 12.09 9.53 29.73
CA VAL A 188 11.53 10.77 30.26
C VAL A 188 12.69 11.67 30.68
N PRO A 189 12.83 12.85 30.07
CA PRO A 189 13.92 13.74 30.52
C PRO A 189 13.68 14.31 31.93
N PRO A 190 14.75 14.69 32.62
CA PRO A 190 14.60 15.29 33.96
C PRO A 190 13.65 16.49 33.96
N ALA A 191 13.64 17.28 32.88
CA ALA A 191 12.77 18.50 32.85
C ALA A 191 11.28 18.13 32.93
N GLU A 192 10.98 16.89 32.55
CA GLU A 192 9.57 16.47 32.47
C GLU A 192 9.17 15.56 33.64
N GLU A 193 10.11 15.21 34.52
CA GLU A 193 9.81 14.29 35.63
C GLU A 193 8.68 14.76 36.53
N LYS A 194 8.57 16.09 36.72
CA LYS A 194 7.45 16.68 37.48
C LYS A 194 6.10 16.19 37.00
N ASN A 195 6.03 15.81 35.72
CA ASN A 195 4.76 15.45 35.11
C ASN A 195 4.58 13.94 35.00
N TYR A 196 5.59 13.18 35.38
CA TYR A 196 5.52 11.72 35.14
C TYR A 196 4.71 11.04 36.26
N ALA A 197 3.48 10.61 35.95
CA ALA A 197 2.69 9.93 36.98
C ALA A 197 3.38 8.69 37.51
N TRP A 198 3.07 8.31 38.76
CA TRP A 198 3.46 6.99 39.25
C TRP A 198 2.39 6.01 38.78
N GLY A 199 2.79 4.79 38.46
CA GLY A 199 1.80 3.70 38.34
C GLY A 199 1.57 3.01 39.67
N TYR A 200 0.46 2.30 39.78
CA TYR A 200 0.09 1.71 41.06
C TYR A 200 -0.24 0.25 40.83
N ARG A 201 0.50 -0.59 41.54
CA ARG A 201 0.39 -2.04 41.41
C ARG A 201 0.32 -2.54 42.85
N GLU A 202 -0.82 -3.16 43.20
CA GLU A 202 -1.10 -3.59 44.55
C GLU A 202 -0.86 -2.47 45.55
N GLY A 203 -1.21 -1.25 45.18
CA GLY A 203 -1.08 -0.14 46.10
C GLY A 203 0.28 0.50 46.14
N LYS A 204 1.27 -0.09 45.46
CA LYS A 204 2.64 0.44 45.50
C LYS A 204 2.94 1.31 44.25
N ALA A 205 3.57 2.45 44.46
CA ALA A 205 4.01 3.31 43.33
C ALA A 205 5.16 2.65 42.56
N VAL A 206 4.96 2.47 41.26
CA VAL A 206 5.93 1.79 40.40
C VAL A 206 6.10 2.49 39.05
N HIS A 207 7.30 2.36 38.48
CA HIS A 207 7.56 2.76 37.09
C HIS A 207 8.17 1.57 36.38
N VAL A 208 8.01 1.50 35.05
CA VAL A 208 8.57 0.37 34.28
C VAL A 208 10.09 0.35 34.44
N SER A 209 10.65 -0.86 34.55
CA SER A 209 12.08 -1.09 34.67
C SER A 209 12.69 -1.32 33.30
N PRO A 210 14.01 -1.07 33.15
CA PRO A 210 14.67 -1.33 31.87
C PRO A 210 14.59 -2.81 31.50
N GLY A 211 14.47 -3.11 30.22
CA GLY A 211 14.50 -4.50 29.79
C GLY A 211 14.85 -4.55 28.31
N ALA A 212 15.21 -5.73 27.83
CA ALA A 212 15.60 -5.83 26.43
C ALA A 212 14.44 -5.48 25.51
N LEU A 213 14.73 -4.72 24.44
CA LEU A 213 13.73 -4.29 23.47
C LEU A 213 12.57 -3.53 24.11
N ASP A 214 12.81 -2.91 25.27
CA ASP A 214 11.75 -2.14 25.94
C ASP A 214 11.24 -0.97 25.08
N ALA A 215 12.16 -0.17 24.56
CA ALA A 215 11.74 1.00 23.77
C ALA A 215 10.86 0.59 22.59
N GLU A 216 11.24 -0.50 21.94
CA GLU A 216 10.57 -0.93 20.73
C GLU A 216 9.23 -1.61 20.99
N ALA A 217 9.07 -2.22 22.15
CA ALA A 217 7.87 -3.05 22.37
C ALA A 217 6.88 -2.38 23.33
N TYR A 218 7.35 -1.61 24.29
CA TYR A 218 6.41 -1.09 25.32
C TYR A 218 6.89 0.15 26.08
N GLY A 219 7.87 0.87 25.55
CA GLY A 219 8.49 1.85 26.38
C GLY A 219 8.13 3.32 26.22
N VAL A 220 7.08 3.65 25.48
CA VAL A 220 6.78 5.09 25.28
C VAL A 220 5.90 5.63 26.44
N LYS A 221 6.16 6.87 26.81
CA LYS A 221 5.33 7.60 27.78
C LYS A 221 4.77 8.84 27.08
N SER A 222 3.54 9.26 27.39
CA SER A 222 2.97 10.39 26.64
C SER A 222 1.87 11.02 27.45
N THR A 223 1.45 12.21 27.01
CA THR A 223 0.36 12.94 27.68
C THR A 223 -0.95 12.71 26.91
N ILE A 224 -2.06 13.10 27.52
CA ILE A 224 -3.35 12.89 26.86
C ILE A 224 -3.49 13.80 25.62
N GLU A 225 -2.84 14.96 25.65
CA GLU A 225 -2.81 15.87 24.50
C GLU A 225 -2.04 15.25 23.34
N ASP A 226 -0.84 14.73 23.60
CA ASP A 226 -0.08 14.16 22.48
C ASP A 226 -0.78 12.92 21.95
N MET A 227 -1.42 12.16 22.83
CA MET A 227 -2.07 10.95 22.36
C MET A 227 -3.31 11.26 21.52
N ALA A 228 -4.03 12.34 21.86
CA ALA A 228 -5.11 12.79 20.98
C ALA A 228 -4.55 13.17 19.62
N ARG A 229 -3.41 13.83 19.61
CA ARG A 229 -2.80 14.22 18.35
C ARG A 229 -2.33 12.97 17.56
N TRP A 230 -1.90 11.96 18.28
CA TRP A 230 -1.56 10.66 17.63
C TRP A 230 -2.80 10.03 16.98
N VAL A 231 -3.91 10.01 17.71
CA VAL A 231 -5.14 9.55 17.10
C VAL A 231 -5.58 10.38 15.86
N GLN A 232 -5.56 11.71 15.97
CA GLN A 232 -5.88 12.57 14.84
C GLN A 232 -5.01 12.24 13.63
N SER A 233 -3.71 12.00 13.87
CA SER A 233 -2.78 11.71 12.77
C SER A 233 -3.11 10.39 12.14
N ASN A 234 -3.53 9.43 12.96
CA ASN A 234 -3.86 8.11 12.41
C ASN A 234 -5.26 8.05 11.77
N LEU A 235 -6.15 8.96 12.20
CA LEU A 235 -7.45 9.12 11.56
C LEU A 235 -7.34 9.71 10.18
N LYS A 236 -6.45 10.67 10.01
CA LYS A 236 -6.34 11.45 8.78
C LYS A 236 -4.89 11.61 8.31
N PRO A 237 -4.28 10.52 7.87
CA PRO A 237 -2.87 10.55 7.47
C PRO A 237 -2.60 11.49 6.30
N LEU A 238 -3.63 11.77 5.51
CA LEU A 238 -3.38 12.57 4.32
C LEU A 238 -3.12 14.05 4.66
N ASP A 239 -3.41 14.48 5.89
CA ASP A 239 -3.09 15.85 6.31
C ASP A 239 -1.62 15.98 6.73
N ILE A 240 -0.93 14.85 6.89
CA ILE A 240 0.48 14.90 7.26
C ILE A 240 1.34 15.27 6.06
N ASN A 241 2.21 16.27 6.25
CA ASN A 241 2.98 16.84 5.16
C ASN A 241 4.20 16.02 4.75
N GLU A 242 4.77 15.30 5.71
CA GLU A 242 5.93 14.45 5.40
C GLU A 242 5.46 13.18 4.72
N LYS A 243 5.80 13.04 3.44
CA LYS A 243 5.26 11.98 2.58
C LYS A 243 5.49 10.57 3.14
N THR A 244 6.72 10.26 3.55
CA THR A 244 6.98 8.89 3.99
C THR A 244 6.21 8.56 5.26
N LEU A 245 5.91 9.57 6.06
CA LEU A 245 5.24 9.32 7.34
C LEU A 245 3.74 9.08 7.11
N GLN A 246 3.17 9.89 6.22
CA GLN A 246 1.80 9.70 5.73
C GLN A 246 1.64 8.27 5.22
N GLN A 247 2.60 7.83 4.42
CA GLN A 247 2.53 6.49 3.86
C GLN A 247 2.74 5.42 4.94
N GLY A 248 3.66 5.68 5.88
CA GLY A 248 3.91 4.74 6.96
C GLY A 248 2.68 4.47 7.81
N ILE A 249 1.94 5.55 8.10
CA ILE A 249 0.69 5.42 8.83
C ILE A 249 -0.31 4.55 8.08
N GLN A 250 -0.43 4.74 6.78
CA GLN A 250 -1.36 3.93 6.01
C GLN A 250 -0.86 2.48 6.00
N LEU A 251 0.46 2.27 5.88
CA LEU A 251 0.96 0.89 5.88
C LEU A 251 0.67 0.19 7.23
N ALA A 252 0.70 0.93 8.32
CA ALA A 252 0.51 0.32 9.64
C ALA A 252 -0.94 -0.10 9.82
N GLN A 253 -1.84 0.47 9.03
CA GLN A 253 -3.28 0.12 9.10
C GLN A 253 -3.71 -0.84 7.98
N SER A 254 -2.76 -1.30 7.17
CA SER A 254 -3.14 -2.29 6.17
C SER A 254 -3.43 -3.61 6.85
N ARG A 255 -4.21 -4.46 6.20
CA ARG A 255 -4.55 -5.73 6.83
C ARG A 255 -3.72 -6.91 6.29
N TYR A 256 -2.84 -7.46 7.13
CA TYR A 256 -1.85 -8.48 6.70
C TYR A 256 -2.29 -9.93 6.95
N TRP A 257 -3.04 -10.14 8.02
CA TRP A 257 -3.47 -11.46 8.46
C TRP A 257 -4.83 -11.34 9.08
N GLN A 258 -5.58 -12.41 9.03
CA GLN A 258 -6.89 -12.40 9.72
C GLN A 258 -6.97 -13.57 10.66
N THR A 259 -7.45 -13.34 11.88
CA THR A 259 -7.78 -14.41 12.79
C THR A 259 -9.12 -14.09 13.41
N GLY A 260 -10.09 -14.97 13.18
CA GLY A 260 -11.44 -14.70 13.59
C GLY A 260 -11.87 -13.42 12.89
N ASP A 261 -12.38 -12.46 13.65
CA ASP A 261 -12.90 -11.22 13.09
CA ASP A 261 -12.86 -11.23 13.01
C ASP A 261 -11.88 -10.07 13.15
N MET A 262 -10.66 -10.37 13.59
CA MET A 262 -9.65 -9.33 13.65
C MET A 262 -8.58 -9.44 12.55
N TYR A 263 -8.07 -8.27 12.18
CA TYR A 263 -7.01 -8.15 11.18
C TYR A 263 -5.77 -7.61 11.84
N GLN A 264 -4.60 -8.15 11.51
CA GLN A 264 -3.39 -7.64 12.13
C GLN A 264 -2.74 -6.57 11.24
N GLY A 265 -2.51 -5.37 11.78
CA GLY A 265 -1.73 -4.30 11.10
C GLY A 265 -0.29 -4.30 11.60
N LEU A 266 0.43 -3.20 11.41
CA LEU A 266 1.73 -3.08 12.05
C LEU A 266 1.49 -2.33 13.38
N GLY A 267 1.45 -3.09 14.47
CA GLY A 267 1.14 -2.53 15.79
C GLY A 267 -0.38 -2.41 15.96
N TRP A 268 -1.02 -1.63 15.10
CA TRP A 268 -2.49 -1.55 15.16
C TRP A 268 -3.14 -2.89 14.84
N GLU A 269 -4.34 -3.08 15.42
CA GLU A 269 -5.22 -4.22 15.13
C GLU A 269 -6.54 -3.60 14.67
N MET A 270 -7.23 -4.27 13.74
CA MET A 270 -8.42 -3.66 13.13
C MET A 270 -9.56 -4.66 13.01
N LEU A 271 -10.79 -4.16 13.11
CA LEU A 271 -12.00 -4.97 12.81
C LEU A 271 -12.89 -4.15 11.90
N ASP A 272 -13.76 -4.78 11.13
CA ASP A 272 -14.69 -4.02 10.31
C ASP A 272 -15.70 -3.27 11.17
N TRP A 273 -15.98 -2.02 10.81
CA TRP A 273 -17.00 -1.23 11.50
C TRP A 273 -18.27 -1.29 10.65
N PRO A 274 -19.44 -1.52 11.26
CA PRO A 274 -19.76 -1.67 12.68
C PRO A 274 -19.27 -3.00 13.26
N VAL A 275 -18.82 -2.96 14.51
CA VAL A 275 -18.18 -4.13 15.10
C VAL A 275 -19.22 -4.71 15.96
N ASN A 276 -19.05 -5.97 16.27
CA ASN A 276 -19.86 -6.53 17.33
C ASN A 276 -19.13 -6.24 18.65
N PRO A 277 -19.76 -5.48 19.56
CA PRO A 277 -19.02 -5.11 20.79
C PRO A 277 -18.55 -6.29 21.65
N ASP A 278 -19.32 -7.38 21.70
CA ASP A 278 -18.88 -8.56 22.45
C ASP A 278 -17.61 -9.10 21.82
N SER A 279 -17.48 -8.98 20.51
CA SER A 279 -16.30 -9.47 19.85
C SER A 279 -15.02 -8.69 20.20
N ILE A 280 -15.07 -7.35 20.23
CA ILE A 280 -13.89 -6.62 20.62
C ILE A 280 -13.70 -6.62 22.14
N ILE A 281 -14.81 -6.62 22.88
CA ILE A 281 -14.72 -6.61 24.34
C ILE A 281 -14.12 -7.92 24.84
N ASN A 282 -14.74 -9.05 24.47
CA ASN A 282 -14.23 -10.37 24.89
C ASN A 282 -12.87 -10.65 24.27
N GLY A 283 -12.69 -10.18 23.04
CA GLY A 283 -11.44 -10.39 22.32
C GLY A 283 -10.21 -9.74 22.93
N SER A 284 -10.43 -8.68 23.72
CA SER A 284 -9.36 -7.91 24.35
C SER A 284 -8.84 -8.62 25.60
N ASP A 285 -9.64 -9.52 26.17
CA ASP A 285 -9.19 -10.26 27.34
C ASP A 285 -7.93 -11.02 26.93
N ASN A 286 -6.94 -11.03 27.84
CA ASN A 286 -5.65 -11.65 27.53
C ASN A 286 -5.73 -13.15 27.35
N LYS A 287 -6.83 -13.76 27.81
CA LYS A 287 -7.09 -15.19 27.52
C LYS A 287 -7.27 -15.45 26.03
N ILE A 288 -7.64 -14.41 25.29
CA ILE A 288 -7.77 -14.52 23.84
C ILE A 288 -6.64 -13.78 23.14
N ALA A 289 -6.38 -12.57 23.60
CA ALA A 289 -5.41 -11.65 22.96
C ALA A 289 -3.99 -12.22 22.94
N LEU A 290 -3.65 -12.99 23.95
CA LEU A 290 -2.29 -13.53 24.07
C LEU A 290 -2.19 -14.99 23.58
N ALA A 291 -3.30 -15.58 23.12
CA ALA A 291 -3.34 -17.01 22.76
C ALA A 291 -2.73 -17.26 21.36
N ALA A 292 -2.22 -18.46 21.11
CA ALA A 292 -1.74 -18.86 19.77
C ALA A 292 -2.93 -19.14 18.87
N ARG A 293 -3.04 -18.45 17.76
CA ARG A 293 -4.17 -18.68 16.86
C ARG A 293 -3.73 -18.82 15.41
N PRO A 294 -4.31 -19.77 14.66
CA PRO A 294 -3.99 -19.86 13.22
C PRO A 294 -4.39 -18.58 12.49
N VAL A 295 -3.58 -18.15 11.52
CA VAL A 295 -3.93 -16.99 10.72
C VAL A 295 -4.09 -17.30 9.23
N LYS A 296 -4.97 -16.53 8.58
CA LYS A 296 -5.11 -16.60 7.14
C LYS A 296 -4.33 -15.42 6.58
N ALA A 297 -3.47 -15.69 5.61
CA ALA A 297 -2.73 -14.63 4.95
C ALA A 297 -3.68 -13.83 4.10
N ILE A 298 -3.49 -12.52 4.09
CA ILE A 298 -4.25 -11.63 3.20
C ILE A 298 -3.31 -11.23 2.08
N THR A 299 -3.51 -11.83 0.91
CA THR A 299 -2.51 -11.80 -0.14
C THR A 299 -3.05 -11.14 -1.39
N PRO A 300 -2.66 -9.88 -1.67
CA PRO A 300 -1.78 -8.99 -0.90
C PRO A 300 -2.56 -8.30 0.20
N PRO A 301 -1.87 -7.57 1.09
CA PRO A 301 -2.62 -6.98 2.22
C PRO A 301 -3.62 -5.98 1.72
N THR A 302 -4.74 -5.88 2.44
CA THR A 302 -5.74 -4.89 2.06
C THR A 302 -5.31 -3.51 2.57
N PRO A 303 -5.38 -2.47 1.72
CA PRO A 303 -4.92 -1.16 2.20
C PRO A 303 -5.87 -0.67 3.29
N ALA A 304 -5.35 0.23 4.13
CA ALA A 304 -6.16 0.76 5.24
C ALA A 304 -7.63 0.99 4.86
N VAL A 305 -8.52 0.30 5.57
CA VAL A 305 -9.97 0.45 5.36
C VAL A 305 -10.60 1.50 6.29
N ARG A 306 -11.27 2.48 5.71
CA ARG A 306 -11.77 3.60 6.51
C ARG A 306 -12.88 3.19 7.49
N ALA A 307 -13.71 2.25 7.09
CA ALA A 307 -14.76 1.69 7.94
C ALA A 307 -14.22 0.59 8.88
N SER A 308 -13.36 0.98 9.81
CA SER A 308 -12.74 0.03 10.72
C SER A 308 -12.81 0.58 12.10
N TRP A 309 -12.83 -0.35 13.06
CA TRP A 309 -12.48 -0.04 14.43
C TRP A 309 -11.00 -0.39 14.52
N VAL A 310 -10.17 0.63 14.72
CA VAL A 310 -8.73 0.41 14.80
C VAL A 310 -8.32 0.68 16.23
N HIS A 311 -7.59 -0.24 16.86
CA HIS A 311 -7.35 -0.08 18.31
C HIS A 311 -6.06 -0.77 18.80
N LYS A 312 -5.68 -0.48 20.03
CA LYS A 312 -4.59 -1.20 20.67
C LYS A 312 -4.71 -1.02 22.16
N THR A 313 -4.55 -2.12 22.89
CA THR A 313 -4.49 -2.01 24.34
C THR A 313 -3.00 -1.90 24.79
N GLY A 314 -2.76 -1.37 25.98
CA GLY A 314 -1.37 -1.30 26.46
C GLY A 314 -1.32 -1.41 27.97
N ALA A 315 -0.29 -2.09 28.50
CA ALA A 315 -0.16 -2.14 29.95
C ALA A 315 1.28 -2.17 30.33
N THR A 316 1.60 -1.60 31.48
CA THR A 316 2.83 -1.96 32.19
C THR A 316 2.39 -2.37 33.62
N GLY A 317 3.36 -2.60 34.51
CA GLY A 317 3.02 -3.13 35.83
C GLY A 317 2.03 -2.21 36.54
N GLY A 318 2.17 -0.91 36.30
CA GLY A 318 1.40 0.11 37.01
C GLY A 318 0.44 0.92 36.16
N PHE A 319 0.30 0.62 34.85
CA PHE A 319 -0.49 1.48 33.97
C PHE A 319 -1.34 0.67 33.00
N GLY A 320 -2.49 1.24 32.60
CA GLY A 320 -3.37 0.59 31.65
C GLY A 320 -3.85 1.62 30.64
N SER A 321 -3.58 1.40 29.35
CA SER A 321 -3.95 2.37 28.32
CA SER A 321 -3.96 2.37 28.32
C SER A 321 -4.82 1.73 27.25
N TYR A 322 -5.59 2.54 26.52
CA TYR A 322 -6.33 2.02 25.40
C TYR A 322 -6.52 3.15 24.39
N VAL A 323 -6.39 2.82 23.10
CA VAL A 323 -6.69 3.77 22.05
C VAL A 323 -7.60 3.07 21.04
N ALA A 324 -8.64 3.73 20.58
CA ALA A 324 -9.47 3.16 19.50
C ALA A 324 -9.99 4.31 18.63
N PHE A 325 -10.12 4.08 17.34
CA PHE A 325 -10.68 5.11 16.47
C PHE A 325 -11.33 4.52 15.23
N ILE A 326 -12.20 5.33 14.63
CA ILE A 326 -12.94 4.90 13.45
C ILE A 326 -12.74 5.92 12.31
N PRO A 327 -11.84 5.65 11.34
CA PRO A 327 -11.50 6.68 10.35
C PRO A 327 -12.70 7.27 9.66
N GLU A 328 -13.61 6.42 9.19
CA GLU A 328 -14.75 6.93 8.43
C GLU A 328 -15.67 7.85 9.22
N LYS A 329 -15.57 7.83 10.54
CA LYS A 329 -16.45 8.68 11.37
C LYS A 329 -15.70 9.85 11.97
N GLU A 330 -14.40 9.95 11.71
CA GLU A 330 -13.57 11.01 12.31
C GLU A 330 -13.69 11.01 13.86
N LEU A 331 -13.71 9.81 14.43
CA LEU A 331 -14.08 9.62 15.82
C LEU A 331 -13.04 8.74 16.50
N GLY A 332 -12.61 9.12 17.70
CA GLY A 332 -11.75 8.24 18.46
C GLY A 332 -11.65 8.55 19.93
N ILE A 333 -10.92 7.72 20.64
CA ILE A 333 -10.77 7.90 22.07
C ILE A 333 -9.39 7.41 22.53
N VAL A 334 -8.88 8.06 23.57
CA VAL A 334 -7.68 7.65 24.28
C VAL A 334 -8.04 7.57 25.75
N MET A 335 -7.72 6.44 26.40
CA MET A 335 -7.96 6.31 27.85
C MET A 335 -6.63 5.93 28.50
N LEU A 336 -6.10 6.81 29.35
CA LEU A 336 -4.81 6.55 30.03
C LEU A 336 -5.05 6.48 31.55
N ALA A 337 -4.62 5.40 32.21
CA ALA A 337 -4.81 5.25 33.65
C ALA A 337 -3.52 4.76 34.27
N ASN A 338 -3.29 5.13 35.53
CA ASN A 338 -2.13 4.63 36.26
C ASN A 338 -2.48 3.46 37.18
N LYS A 339 -3.28 2.54 36.64
CA LYS A 339 -3.43 1.20 37.20
C LYS A 339 -3.65 0.27 35.99
N ASN A 340 -3.04 -0.91 36.00
CA ASN A 340 -3.30 -1.88 34.96
C ASN A 340 -4.58 -2.67 35.28
N TYR A 341 -5.73 -2.17 34.83
CA TYR A 341 -7.03 -2.80 35.08
C TYR A 341 -7.47 -3.61 33.83
N PRO A 342 -8.43 -4.56 33.99
CA PRO A 342 -8.67 -5.52 32.90
C PRO A 342 -9.04 -4.94 31.52
N ASN A 343 -8.42 -5.46 30.47
CA ASN A 343 -8.71 -4.99 29.10
C ASN A 343 -10.21 -4.88 28.74
N PRO A 344 -11.03 -5.91 29.04
CA PRO A 344 -12.42 -5.81 28.60
C PRO A 344 -13.14 -4.60 29.21
N ALA A 345 -12.77 -4.17 30.40
CA ALA A 345 -13.44 -3.00 30.95
C ALA A 345 -13.08 -1.75 30.13
N ARG A 346 -11.85 -1.70 29.60
CA ARG A 346 -11.39 -0.57 28.80
C ARG A 346 -12.19 -0.52 27.53
N VAL A 347 -12.28 -1.66 26.86
CA VAL A 347 -12.94 -1.67 25.57
C VAL A 347 -14.46 -1.45 25.73
N ASP A 348 -15.06 -2.03 26.76
CA ASP A 348 -16.48 -1.78 27.04
C ASP A 348 -16.78 -0.28 27.20
N ALA A 349 -15.95 0.40 27.99
CA ALA A 349 -16.15 1.85 28.19
C ALA A 349 -15.93 2.62 26.87
N ALA A 350 -14.88 2.27 26.12
CA ALA A 350 -14.61 2.95 24.86
C ALA A 350 -15.77 2.75 23.88
N TRP A 351 -16.29 1.52 23.78
CA TRP A 351 -17.39 1.32 22.83
C TRP A 351 -18.67 2.05 23.28
N GLN A 352 -18.95 2.06 24.57
CA GLN A 352 -20.13 2.76 25.08
C GLN A 352 -20.03 4.25 24.67
N ILE A 353 -18.83 4.83 24.81
CA ILE A 353 -18.61 6.23 24.44
C ILE A 353 -18.70 6.45 22.93
N LEU A 354 -17.93 5.70 22.14
CA LEU A 354 -17.92 5.97 20.70
C LEU A 354 -19.27 5.62 20.06
N ASN A 355 -19.91 4.55 20.54
CA ASN A 355 -21.21 4.22 19.99
C ASN A 355 -22.25 5.34 20.19
N ALA A 356 -22.24 5.98 21.36
CA ALA A 356 -23.21 7.03 21.65
C ALA A 356 -22.97 8.25 20.77
N LEU A 357 -21.73 8.46 20.37
CA LEU A 357 -21.37 9.62 19.57
C LEU A 357 -21.41 9.40 18.06
N GLN A 358 -21.47 8.14 17.64
CA GLN A 358 -21.25 7.78 16.24
C GLN A 358 -22.43 8.15 15.38
N ALA B 1 12.13 23.68 -26.14
CA ALA B 1 12.87 22.71 -25.34
C ALA B 1 14.32 23.14 -25.16
N PRO B 2 14.98 22.67 -24.08
CA PRO B 2 16.43 22.77 -24.08
C PRO B 2 17.01 22.18 -25.36
N GLN B 3 18.13 22.74 -25.77
CA GLN B 3 18.82 22.25 -26.93
C GLN B 3 19.24 20.78 -26.70
N GLN B 4 19.58 20.45 -25.46
CA GLN B 4 19.97 19.09 -25.12
C GLN B 4 18.84 18.12 -25.49
N ILE B 5 17.60 18.50 -25.19
CA ILE B 5 16.48 17.62 -25.49
C ILE B 5 16.26 17.52 -26.99
N ASN B 6 16.23 18.67 -27.67
CA ASN B 6 16.03 18.72 -29.11
C ASN B 6 17.05 17.84 -29.83
N ASP B 7 18.29 17.95 -29.37
CA ASP B 7 19.40 17.23 -29.97
C ASP B 7 19.26 15.72 -29.88
N ILE B 8 19.10 15.19 -28.68
CA ILE B 8 19.05 13.73 -28.54
C ILE B 8 17.77 13.17 -29.15
N VAL B 9 16.66 13.90 -29.06
CA VAL B 9 15.45 13.39 -29.69
C VAL B 9 15.62 13.30 -31.23
N HIS B 10 16.15 14.36 -31.83
CA HIS B 10 16.28 14.48 -33.30
C HIS B 10 17.23 13.39 -33.80
N ARG B 11 18.38 13.24 -33.13
CA ARG B 11 19.35 12.23 -33.50
C ARG B 11 18.89 10.79 -33.29
N THR B 12 17.94 10.57 -32.38
CA THR B 12 17.49 9.21 -32.10
C THR B 12 16.22 8.82 -32.87
N ILE B 13 15.21 9.67 -32.83
CA ILE B 13 13.90 9.35 -33.43
C ILE B 13 13.86 9.46 -34.97
N THR B 14 14.52 10.46 -35.54
CA THR B 14 14.49 10.57 -37.00
C THR B 14 15.07 9.33 -37.73
N PRO B 15 16.22 8.78 -37.28
CA PRO B 15 16.66 7.58 -38.02
C PRO B 15 15.77 6.38 -37.73
N LEU B 16 15.18 6.34 -36.54
CA LEU B 16 14.20 5.32 -36.25
C LEU B 16 13.06 5.39 -37.27
N ILE B 17 12.56 6.59 -37.54
CA ILE B 17 11.44 6.72 -38.44
C ILE B 17 11.83 6.27 -39.86
N GLU B 18 13.03 6.63 -40.28
CA GLU B 18 13.52 6.19 -41.59
C GLU B 18 13.75 4.67 -41.61
N GLN B 19 14.42 4.15 -40.59
CA GLN B 19 14.74 2.71 -40.52
C GLN B 19 13.49 1.83 -40.55
N GLN B 20 12.43 2.25 -39.84
CA GLN B 20 11.25 1.43 -39.68
C GLN B 20 10.13 1.86 -40.60
N LYS B 21 10.39 2.89 -41.40
CA LYS B 21 9.39 3.43 -42.31
C LYS B 21 8.09 3.84 -41.64
N ILE B 22 8.20 4.56 -40.53
CA ILE B 22 7.02 4.94 -39.77
C ILE B 22 6.34 6.13 -40.46
N PRO B 23 5.04 5.99 -40.80
CA PRO B 23 4.43 7.11 -41.51
C PRO B 23 4.22 8.38 -40.67
N GLY B 24 3.88 8.21 -39.39
CA GLY B 24 3.66 9.36 -38.53
C GLY B 24 4.02 9.00 -37.10
N MET B 25 4.49 10.00 -36.34
CA MET B 25 5.01 9.73 -35.00
C MET B 25 4.91 11.00 -34.17
N ALA B 26 4.59 10.81 -32.88
CA ALA B 26 4.64 11.91 -31.94
C ALA B 26 5.40 11.43 -30.72
N VAL B 27 6.22 12.31 -30.15
CA VAL B 27 6.99 11.93 -28.98
C VAL B 27 6.83 13.05 -27.96
N ALA B 28 6.69 12.70 -26.67
CA ALA B 28 6.80 13.66 -25.59
C ALA B 28 7.95 13.22 -24.69
N VAL B 29 8.76 14.18 -24.27
CA VAL B 29 9.76 13.95 -23.26
C VAL B 29 9.38 14.77 -22.05
N ILE B 30 9.30 14.13 -20.89
CA ILE B 30 9.09 14.85 -19.66
C ILE B 30 10.44 15.03 -18.98
N TYR B 31 10.82 16.28 -18.76
CA TYR B 31 12.13 16.60 -18.24
C TYR B 31 11.96 17.56 -17.10
N GLN B 32 12.49 17.19 -15.94
CA GLN B 32 12.25 17.92 -14.69
C GLN B 32 10.76 18.18 -14.60
N GLY B 33 9.99 17.14 -14.91
CA GLY B 33 8.54 17.20 -14.80
C GLY B 33 7.77 17.99 -15.86
N LYS B 34 8.44 18.71 -16.76
CA LYS B 34 7.74 19.48 -17.80
C LYS B 34 7.81 18.76 -19.15
N PRO B 35 6.74 18.87 -19.96
CA PRO B 35 6.62 18.18 -21.26
C PRO B 35 7.21 18.93 -22.45
N TYR B 36 7.86 18.19 -23.33
CA TYR B 36 8.35 18.76 -24.59
C TYR B 36 7.93 17.82 -25.70
N TYR B 37 7.40 18.39 -26.78
CA TYR B 37 6.71 17.60 -27.77
C TYR B 37 7.36 17.65 -29.13
N PHE B 38 7.17 16.59 -29.90
CA PHE B 38 7.80 16.49 -31.20
C PHE B 38 6.88 15.69 -32.06
N THR B 39 6.68 16.11 -33.31
CA THR B 39 5.81 15.38 -34.23
C THR B 39 6.46 15.30 -35.60
N TRP B 40 6.16 14.24 -36.33
CA TRP B 40 6.71 14.06 -37.68
C TRP B 40 5.65 13.33 -38.49
N GLY B 41 5.64 13.60 -39.80
CA GLY B 41 4.97 12.70 -40.72
C GLY B 41 3.46 12.87 -40.75
N TYR B 42 2.79 11.82 -41.20
CA TYR B 42 1.35 11.89 -41.48
C TYR B 42 0.51 11.01 -40.57
N ALA B 43 -0.61 11.57 -40.14
CA ALA B 43 -1.66 10.82 -39.42
C ALA B 43 -2.53 10.04 -40.42
N ASP B 44 -2.74 10.64 -41.60
CA ASP B 44 -3.47 10.03 -42.70
C ASP B 44 -2.63 10.30 -43.97
N ILE B 45 -2.00 9.27 -44.51
CA ILE B 45 -1.11 9.42 -45.67
C ILE B 45 -1.83 9.99 -46.90
N ALA B 46 -2.97 9.38 -47.23
CA ALA B 46 -3.67 9.75 -48.44
C ALA B 46 -4.17 11.18 -48.35
N LYS B 47 -4.73 11.56 -47.21
CA LYS B 47 -5.24 12.92 -47.04
C LYS B 47 -4.09 13.91 -46.78
N LYS B 48 -2.88 13.39 -46.69
CA LYS B 48 -1.68 14.15 -46.29
C LYS B 48 -1.95 14.99 -45.04
N GLN B 49 -2.59 14.36 -44.06
CA GLN B 49 -2.89 15.01 -42.78
C GLN B 49 -1.74 14.81 -41.78
N PRO B 50 -1.12 15.92 -41.35
CA PRO B 50 0.04 15.85 -40.45
C PRO B 50 -0.34 15.30 -39.09
N VAL B 51 0.56 14.54 -38.51
CA VAL B 51 0.46 14.28 -37.09
C VAL B 51 0.58 15.63 -36.39
N THR B 52 -0.32 15.90 -35.46
CA THR B 52 -0.17 17.06 -34.60
C THR B 52 -0.24 16.60 -33.16
N GLN B 53 -0.27 17.56 -32.26
CA GLN B 53 -0.40 17.16 -30.88
C GLN B 53 -1.84 16.86 -30.51
N GLN B 54 -2.74 17.10 -31.45
CA GLN B 54 -4.14 16.72 -31.27
C GLN B 54 -4.45 15.34 -31.86
N THR B 55 -3.46 14.70 -32.48
CA THR B 55 -3.69 13.40 -33.10
C THR B 55 -3.87 12.25 -32.10
N LEU B 56 -4.90 11.43 -32.29
CA LEU B 56 -5.14 10.27 -31.44
C LEU B 56 -4.54 9.03 -32.09
N PHE B 57 -3.76 8.28 -31.30
CA PHE B 57 -3.16 7.01 -31.73
C PHE B 57 -3.81 5.90 -30.89
N GLU B 58 -3.89 4.69 -31.45
CA GLU B 58 -4.23 3.50 -30.65
C GLU B 58 -3.08 3.15 -29.74
N LEU B 59 -3.34 3.06 -28.45
CA LEU B 59 -2.29 2.76 -27.50
C LEU B 59 -1.99 1.28 -27.42
N GLY B 60 -2.88 0.45 -27.96
CA GLY B 60 -2.75 -0.98 -27.71
C GLY B 60 -2.58 -1.30 -26.23
N SER B 61 -1.59 -2.14 -25.91
CA SER B 61 -1.45 -2.62 -24.53
C SER B 61 -0.94 -1.58 -23.53
N VAL B 62 -0.59 -0.38 -23.99
CA VAL B 62 -0.34 0.67 -22.99
C VAL B 62 -1.66 0.95 -22.25
N SER B 63 -2.77 0.60 -22.88
CA SER B 63 -4.07 0.62 -22.17
C SER B 63 -4.08 -0.18 -20.87
N LYS B 64 -3.28 -1.25 -20.79
CA LYS B 64 -3.23 -2.03 -19.54
C LYS B 64 -2.79 -1.18 -18.35
N THR B 65 -2.05 -0.09 -18.60
CA THR B 65 -1.63 0.77 -17.49
C THR B 65 -2.87 1.52 -16.95
N PHE B 66 -3.76 1.88 -17.86
CA PHE B 66 -5.01 2.56 -17.38
C PHE B 66 -5.88 1.58 -16.62
N THR B 67 -5.97 0.36 -17.14
CA THR B 67 -6.73 -0.70 -16.46
C THR B 67 -6.15 -0.98 -15.07
N GLY B 68 -4.83 -1.03 -14.98
CA GLY B 68 -4.18 -1.28 -13.70
C GLY B 68 -4.47 -0.17 -12.67
N VAL B 69 -4.41 1.07 -13.13
CA VAL B 69 -4.66 2.24 -12.27
C VAL B 69 -6.14 2.31 -11.86
N LEU B 70 -7.03 2.01 -12.80
CA LEU B 70 -8.47 1.98 -12.46
C LEU B 70 -8.76 0.90 -11.42
N GLY B 71 -8.09 -0.26 -11.57
CA GLY B 71 -8.23 -1.30 -10.57
C GLY B 71 -7.66 -0.85 -9.23
N GLY B 72 -6.53 -0.17 -9.30
CA GLY B 72 -5.94 0.40 -8.12
C GLY B 72 -6.89 1.39 -7.42
N ASP B 73 -7.53 2.27 -8.19
CA ASP B 73 -8.50 3.20 -7.63
C ASP B 73 -9.70 2.47 -6.97
N ALA B 74 -10.14 1.36 -7.56
CA ALA B 74 -11.26 0.60 -6.97
C ALA B 74 -10.83 -0.07 -5.66
N ILE B 75 -9.57 -0.50 -5.60
CA ILE B 75 -9.07 -1.07 -4.33
C ILE B 75 -9.08 0.02 -3.25
N ALA B 76 -8.53 1.18 -3.60
CA ALA B 76 -8.52 2.35 -2.75
C ALA B 76 -9.91 2.76 -2.23
N ARG B 77 -10.90 2.64 -3.10
CA ARG B 77 -12.31 2.95 -2.79
C ARG B 77 -12.95 1.93 -1.88
N GLY B 78 -12.24 0.83 -1.60
CA GLY B 78 -12.79 -0.29 -0.83
C GLY B 78 -13.82 -1.13 -1.60
N GLU B 79 -13.86 -0.98 -2.92
CA GLU B 79 -14.80 -1.76 -3.75
C GLU B 79 -14.36 -3.19 -4.04
N ILE B 80 -13.04 -3.39 -4.22
CA ILE B 80 -12.51 -4.74 -4.44
C ILE B 80 -11.24 -4.95 -3.60
N LYS B 81 -10.85 -6.19 -3.42
CA LYS B 81 -9.56 -6.51 -2.79
C LYS B 81 -8.88 -7.49 -3.76
N LEU B 82 -7.56 -7.31 -3.99
CA LEU B 82 -6.83 -8.21 -4.88
C LEU B 82 -6.77 -9.61 -4.30
N SER B 83 -6.95 -9.73 -2.99
CA SER B 83 -6.90 -11.05 -2.35
C SER B 83 -8.18 -11.84 -2.53
N ASP B 84 -9.21 -11.20 -3.07
CA ASP B 84 -10.50 -11.90 -3.19
C ASP B 84 -10.50 -12.88 -4.35
N PRO B 85 -11.18 -14.02 -4.18
CA PRO B 85 -11.37 -14.96 -5.29
C PRO B 85 -12.12 -14.31 -6.44
N THR B 86 -11.76 -14.70 -7.66
CA THR B 86 -12.41 -14.21 -8.86
C THR B 86 -13.93 -14.41 -8.76
N THR B 87 -14.34 -15.54 -8.20
CA THR B 87 -15.76 -15.87 -8.20
CA THR B 87 -15.75 -15.92 -8.11
C THR B 87 -16.59 -14.95 -7.29
N LYS B 88 -15.95 -14.18 -6.42
CA LYS B 88 -16.69 -13.25 -5.57
C LYS B 88 -17.37 -12.20 -6.45
N TYR B 89 -16.71 -11.86 -7.55
CA TYR B 89 -17.19 -10.81 -8.45
C TYR B 89 -17.85 -11.41 -9.69
N TRP B 90 -17.80 -12.74 -9.82
CA TRP B 90 -18.45 -13.42 -10.95
C TRP B 90 -19.02 -14.74 -10.46
N PRO B 91 -20.15 -14.68 -9.74
CA PRO B 91 -20.65 -15.85 -9.01
C PRO B 91 -20.97 -17.02 -9.93
N GLU B 92 -21.33 -16.70 -11.17
CA GLU B 92 -21.65 -17.69 -12.19
C GLU B 92 -20.43 -18.52 -12.61
N LEU B 93 -19.24 -18.10 -12.21
CA LEU B 93 -18.03 -18.82 -12.59
C LEU B 93 -17.73 -19.89 -11.53
N THR B 94 -18.35 -21.05 -11.70
CA THR B 94 -18.37 -22.03 -10.63
C THR B 94 -17.42 -23.24 -10.84
N ALA B 95 -16.79 -23.31 -12.01
CA ALA B 95 -15.99 -24.49 -12.33
C ALA B 95 -14.81 -24.59 -11.37
N LYS B 96 -14.50 -25.81 -10.95
CA LYS B 96 -13.59 -26.09 -9.83
C LYS B 96 -12.16 -25.54 -10.02
N GLN B 97 -11.72 -25.38 -11.27
CA GLN B 97 -10.36 -24.89 -11.50
C GLN B 97 -10.15 -23.45 -11.06
N TRP B 98 -11.24 -22.76 -10.76
CA TRP B 98 -11.18 -21.33 -10.42
C TRP B 98 -10.96 -21.15 -8.93
N ASN B 99 -11.09 -22.24 -8.17
CA ASN B 99 -10.79 -22.16 -6.76
C ASN B 99 -9.35 -21.71 -6.48
N GLY B 100 -9.20 -20.68 -5.67
CA GLY B 100 -7.86 -20.20 -5.44
C GLY B 100 -7.31 -19.21 -6.46
N ILE B 101 -8.04 -18.91 -7.54
CA ILE B 101 -7.59 -17.88 -8.49
C ILE B 101 -8.18 -16.53 -8.09
N THR B 102 -7.34 -15.60 -7.69
CA THR B 102 -7.81 -14.31 -7.14
C THR B 102 -7.70 -13.18 -8.16
N LEU B 103 -8.23 -12.01 -7.81
CA LEU B 103 -8.06 -10.86 -8.68
C LEU B 103 -6.58 -10.51 -8.87
N LEU B 104 -5.78 -10.67 -7.81
CA LEU B 104 -4.31 -10.50 -7.94
C LEU B 104 -3.80 -11.32 -9.14
N HIS B 105 -4.21 -12.59 -9.21
CA HIS B 105 -3.69 -13.48 -10.28
C HIS B 105 -4.12 -12.98 -11.66
N LEU B 106 -5.38 -12.60 -11.80
CA LEU B 106 -5.84 -12.01 -13.07
C LEU B 106 -5.07 -10.74 -13.48
N ALA B 107 -4.88 -9.82 -12.54
CA ALA B 107 -4.31 -8.50 -12.84
C ALA B 107 -2.86 -8.62 -13.28
N THR B 108 -2.20 -9.66 -12.79
CA THR B 108 -0.75 -9.79 -12.95
C THR B 108 -0.28 -10.99 -13.83
N TYR B 109 -1.22 -11.57 -14.58
CA TYR B 109 -0.98 -12.68 -15.52
C TYR B 109 -0.51 -14.00 -14.87
N THR B 110 -0.89 -14.21 -13.60
CA THR B 110 -0.36 -15.32 -12.83
C THR B 110 -1.40 -16.37 -12.45
N ALA B 111 -2.52 -16.38 -13.19
CA ALA B 111 -3.61 -17.33 -12.86
C ALA B 111 -3.30 -18.79 -13.21
N GLY B 112 -2.30 -18.99 -14.07
CA GLY B 112 -1.90 -20.33 -14.47
C GLY B 112 -2.04 -20.60 -15.96
N GLY B 113 -1.79 -19.59 -16.79
CA GLY B 113 -1.73 -19.83 -18.24
C GLY B 113 -3.02 -19.49 -18.97
N LEU B 114 -3.77 -18.52 -18.46
CA LEU B 114 -4.86 -17.96 -19.27
C LEU B 114 -4.20 -17.43 -20.55
N PRO B 115 -4.84 -17.63 -21.72
CA PRO B 115 -4.16 -17.39 -23.01
C PRO B 115 -4.00 -15.94 -23.42
N LEU B 116 -2.95 -15.69 -24.20
CA LEU B 116 -2.66 -14.35 -24.67
C LEU B 116 -3.87 -13.65 -25.28
N GLN B 117 -4.56 -14.35 -26.22
CA GLN B 117 -5.79 -13.82 -26.79
C GLN B 117 -7.04 -14.56 -26.33
N VAL B 118 -8.12 -13.82 -26.18
CA VAL B 118 -9.44 -14.46 -26.14
C VAL B 118 -9.73 -14.89 -27.58
N PRO B 119 -10.18 -16.14 -27.79
CA PRO B 119 -10.45 -16.61 -29.16
C PRO B 119 -11.38 -15.64 -29.89
N ASP B 120 -11.19 -15.50 -31.20
CA ASP B 120 -11.90 -14.47 -31.96
C ASP B 120 -13.41 -14.68 -32.01
N GLU B 121 -13.83 -15.94 -31.90
CA GLU B 121 -15.24 -16.27 -32.00
C GLU B 121 -15.97 -15.98 -30.71
N VAL B 122 -15.23 -15.72 -29.63
CA VAL B 122 -15.87 -15.35 -28.36
C VAL B 122 -16.33 -13.91 -28.44
N LYS B 123 -17.63 -13.70 -28.29
CA LYS B 123 -18.17 -12.36 -28.48
C LYS B 123 -19.01 -11.88 -27.28
N SER B 124 -20.08 -12.62 -27.01
CA SER B 124 -21.13 -12.29 -26.06
C SER B 124 -20.70 -12.62 -24.65
N SER B 125 -21.45 -12.12 -23.67
CA SER B 125 -21.09 -12.39 -22.29
C SER B 125 -21.30 -13.88 -22.05
N SER B 126 -22.27 -14.46 -22.75
CA SER B 126 -22.50 -15.89 -22.67
C SER B 126 -21.28 -16.70 -23.19
N ASP B 127 -20.75 -16.28 -24.33
CA ASP B 127 -19.54 -16.91 -24.91
C ASP B 127 -18.40 -16.80 -23.94
N LEU B 128 -18.32 -15.66 -23.27
CA LEU B 128 -17.20 -15.38 -22.40
C LEU B 128 -17.27 -16.26 -21.15
N LEU B 129 -18.47 -16.43 -20.58
CA LEU B 129 -18.61 -17.34 -19.45
C LEU B 129 -18.16 -18.76 -19.85
N ARG B 130 -18.62 -19.22 -21.01
CA ARG B 130 -18.34 -20.56 -21.44
C ARG B 130 -16.81 -20.75 -21.58
N PHE B 131 -16.16 -19.75 -22.18
CA PHE B 131 -14.72 -19.79 -22.38
C PHE B 131 -13.97 -19.98 -21.07
N TYR B 132 -14.27 -19.14 -20.08
CA TYR B 132 -13.61 -19.27 -18.78
C TYR B 132 -14.02 -20.50 -17.98
N GLN B 133 -15.27 -20.93 -18.11
CA GLN B 133 -15.71 -22.14 -17.43
C GLN B 133 -14.97 -23.34 -17.99
N ASN B 134 -14.62 -23.27 -19.27
CA ASN B 134 -13.99 -24.42 -19.95
C ASN B 134 -12.47 -24.42 -19.92
N TRP B 135 -11.89 -23.27 -19.56
CA TRP B 135 -10.44 -23.13 -19.55
C TRP B 135 -9.81 -24.00 -18.47
N GLN B 136 -8.77 -24.73 -18.86
CA GLN B 136 -8.04 -25.58 -17.94
C GLN B 136 -6.61 -25.06 -17.87
N PRO B 137 -6.11 -24.84 -16.67
CA PRO B 137 -4.81 -24.18 -16.51
C PRO B 137 -3.59 -25.05 -16.91
N ALA B 138 -2.54 -24.36 -17.29
CA ALA B 138 -1.22 -24.96 -17.59
C ALA B 138 -0.40 -25.18 -16.33
N TRP B 139 -0.63 -24.34 -15.31
CA TRP B 139 0.12 -24.34 -14.05
C TRP B 139 -0.80 -23.96 -12.88
N ALA B 140 -0.34 -24.18 -11.66
CA ALA B 140 -1.10 -23.79 -10.46
C ALA B 140 -1.11 -22.28 -10.38
N PRO B 141 -2.07 -21.70 -9.64
CA PRO B 141 -2.06 -20.23 -9.51
C PRO B 141 -0.81 -19.71 -8.79
N GLY B 142 -0.36 -18.53 -9.21
CA GLY B 142 0.71 -17.81 -8.56
C GLY B 142 2.06 -18.49 -8.71
N THR B 143 2.25 -19.19 -9.83
CA THR B 143 3.54 -19.85 -10.06
C THR B 143 4.26 -19.39 -11.33
N GLN B 144 3.51 -19.02 -12.37
CA GLN B 144 4.09 -18.64 -13.66
C GLN B 144 3.40 -17.40 -14.19
N ARG B 145 4.16 -16.48 -14.73
CA ARG B 145 3.59 -15.31 -15.40
C ARG B 145 3.47 -15.60 -16.90
N LEU B 146 2.27 -15.48 -17.46
CA LEU B 146 2.13 -15.56 -18.92
C LEU B 146 1.31 -14.37 -19.37
N TYR B 147 1.98 -13.42 -20.03
CA TYR B 147 1.32 -12.15 -20.43
C TYR B 147 0.08 -12.49 -21.25
N ALA B 148 -1.05 -11.89 -20.87
CA ALA B 148 -2.34 -12.34 -21.40
C ALA B 148 -3.48 -11.31 -21.30
N ASN B 149 -4.05 -10.99 -22.44
CA ASN B 149 -5.32 -10.22 -22.47
C ASN B 149 -6.47 -10.87 -21.74
N SER B 150 -6.59 -12.21 -21.81
CA SER B 150 -7.72 -12.89 -21.17
C SER B 150 -7.60 -12.83 -19.64
N SER B 151 -6.40 -12.52 -19.17
CA SER B 151 -6.13 -12.39 -17.75
C SER B 151 -6.41 -10.93 -17.27
N ILE B 152 -5.58 -9.97 -17.68
CA ILE B 152 -5.86 -8.60 -17.23
C ILE B 152 -7.18 -8.01 -17.75
N GLY B 153 -7.63 -8.45 -18.92
CA GLY B 153 -8.89 -7.97 -19.45
C GLY B 153 -10.06 -8.37 -18.52
N LEU B 154 -10.00 -9.59 -18.01
CA LEU B 154 -11.07 -10.04 -17.09
C LEU B 154 -10.96 -9.27 -15.76
N PHE B 155 -9.74 -9.05 -15.30
CA PHE B 155 -9.52 -8.25 -14.07
C PHE B 155 -10.23 -6.91 -14.22
N GLY B 156 -9.98 -6.24 -15.34
CA GLY B 156 -10.56 -4.93 -15.59
C GLY B 156 -12.09 -4.98 -15.55
N ALA B 157 -12.67 -5.99 -16.19
CA ALA B 157 -14.13 -6.11 -16.20
C ALA B 157 -14.70 -6.35 -14.81
N LEU B 158 -14.04 -7.19 -14.03
CA LEU B 158 -14.57 -7.49 -12.70
C LEU B 158 -14.34 -6.35 -11.74
N ALA B 159 -13.26 -5.61 -11.94
CA ALA B 159 -12.83 -4.55 -11.02
C ALA B 159 -13.89 -3.45 -10.88
N VAL B 160 -14.62 -3.19 -11.96
CA VAL B 160 -15.65 -2.16 -11.93
C VAL B 160 -17.04 -2.69 -11.54
N LYS B 161 -17.17 -4.00 -11.34
CA LYS B 161 -18.50 -4.56 -11.09
C LYS B 161 -19.17 -3.98 -9.82
N PRO B 162 -18.41 -3.86 -8.70
CA PRO B 162 -19.12 -3.29 -7.53
C PRO B 162 -19.60 -1.84 -7.68
N SER B 163 -18.91 -1.02 -8.48
CA SER B 163 -19.30 0.37 -8.70
C SER B 163 -20.64 0.45 -9.40
N GLY B 164 -21.00 -0.61 -10.10
CA GLY B 164 -22.15 -0.60 -10.98
C GLY B 164 -21.91 0.11 -12.31
N LEU B 165 -20.73 0.74 -12.50
CA LEU B 165 -20.52 1.54 -13.72
C LEU B 165 -20.03 0.62 -14.83
N SER B 166 -20.28 1.00 -16.07
CA SER B 166 -19.64 0.26 -17.18
C SER B 166 -18.15 0.50 -17.12
N PHE B 167 -17.36 -0.36 -17.74
CA PHE B 167 -15.92 -0.18 -17.74
C PHE B 167 -15.56 1.19 -18.33
N GLU B 168 -16.19 1.52 -19.44
CA GLU B 168 -15.92 2.85 -20.03
C GLU B 168 -16.24 4.05 -19.13
N GLN B 169 -17.40 4.03 -18.47
CA GLN B 169 -17.79 5.13 -17.63
C GLN B 169 -16.93 5.23 -16.38
N ALA B 170 -16.51 4.09 -15.85
CA ALA B 170 -15.64 4.12 -14.68
C ALA B 170 -14.32 4.73 -15.14
N MET B 171 -13.79 4.26 -16.26
CA MET B 171 -12.51 4.78 -16.73
C MET B 171 -12.57 6.29 -16.99
N GLN B 172 -13.61 6.72 -17.69
CA GLN B 172 -13.76 8.14 -18.01
CA GLN B 172 -13.72 8.14 -18.01
C GLN B 172 -13.91 9.01 -16.76
N THR B 173 -14.77 8.59 -15.84
CA THR B 173 -15.06 9.46 -14.69
C THR B 173 -14.04 9.35 -13.56
N ARG B 174 -13.34 8.21 -13.47
CA ARG B 174 -12.47 7.98 -12.34
C ARG B 174 -11.01 8.20 -12.67
N VAL B 175 -10.68 8.16 -13.96
CA VAL B 175 -9.25 8.28 -14.38
C VAL B 175 -9.03 9.43 -15.38
N PHE B 176 -9.70 9.36 -16.53
CA PHE B 176 -9.48 10.33 -17.60
C PHE B 176 -9.81 11.76 -17.12
N GLN B 177 -11.00 11.93 -16.52
CA GLN B 177 -11.45 13.25 -16.14
C GLN B 177 -10.68 13.94 -15.03
N PRO B 178 -10.45 13.26 -13.91
CA PRO B 178 -9.69 13.95 -12.86
C PRO B 178 -8.28 14.37 -13.32
N LEU B 179 -7.70 13.66 -14.30
CA LEU B 179 -6.35 13.95 -14.78
C LEU B 179 -6.40 14.84 -16.01
N LYS B 180 -7.62 15.26 -16.36
CA LYS B 180 -7.84 16.22 -17.43
C LYS B 180 -7.28 15.65 -18.72
N LEU B 181 -7.47 14.34 -18.93
CA LEU B 181 -7.12 13.74 -20.24
C LEU B 181 -8.33 13.96 -21.14
N ASN B 182 -8.36 15.14 -21.74
CA ASN B 182 -9.55 15.64 -22.44
C ASN B 182 -9.71 15.15 -23.89
N HIS B 183 -8.70 14.45 -24.41
CA HIS B 183 -8.76 13.84 -25.76
C HIS B 183 -8.34 12.39 -25.74
N THR B 184 -8.83 11.66 -24.74
CA THR B 184 -8.50 10.24 -24.54
C THR B 184 -9.83 9.49 -24.47
N TRP B 185 -9.96 8.46 -25.28
CA TRP B 185 -11.21 7.75 -25.45
C TRP B 185 -11.02 6.24 -25.65
N ILE B 186 -11.95 5.46 -25.09
CA ILE B 186 -12.07 4.02 -25.41
C ILE B 186 -12.86 3.88 -26.73
N ASN B 187 -13.94 4.65 -26.83
CA ASN B 187 -14.67 4.81 -28.08
C ASN B 187 -14.57 6.27 -28.58
N VAL B 188 -13.95 6.46 -29.73
CA VAL B 188 -13.65 7.78 -30.28
C VAL B 188 -14.95 8.38 -30.79
N PRO B 189 -15.37 9.53 -30.23
CA PRO B 189 -16.66 10.11 -30.65
C PRO B 189 -16.51 10.83 -32.00
N PRO B 190 -17.64 11.18 -32.65
CA PRO B 190 -17.57 11.79 -33.98
C PRO B 190 -16.75 13.09 -34.08
N ALA B 191 -16.79 13.93 -33.04
CA ALA B 191 -16.03 15.17 -33.04
C ALA B 191 -14.51 14.96 -33.11
N GLU B 192 -14.03 13.80 -32.67
CA GLU B 192 -12.61 13.49 -32.74
C GLU B 192 -12.19 12.62 -33.92
N GLU B 193 -13.12 12.16 -34.74
CA GLU B 193 -12.76 11.33 -35.89
C GLU B 193 -11.70 11.94 -36.81
N LYS B 194 -11.80 13.25 -37.06
CA LYS B 194 -10.81 13.96 -37.90
C LYS B 194 -9.39 13.93 -37.34
N ASN B 195 -9.28 13.58 -36.06
CA ASN B 195 -7.98 13.58 -35.40
C ASN B 195 -7.46 12.17 -35.13
N TYR B 196 -8.29 11.17 -35.40
CA TYR B 196 -7.89 9.78 -35.16
C TYR B 196 -7.03 9.35 -36.33
N ALA B 197 -5.74 9.10 -36.08
CA ALA B 197 -4.83 8.69 -37.15
C ALA B 197 -5.24 7.32 -37.67
N TRP B 198 -4.96 7.03 -38.94
CA TRP B 198 -5.01 5.65 -39.39
C TRP B 198 -3.76 4.88 -38.95
N GLY B 199 -3.92 3.60 -38.61
CA GLY B 199 -2.77 2.72 -38.48
C GLY B 199 -2.38 2.20 -39.85
N TYR B 200 -1.13 1.76 -40.03
CA TYR B 200 -0.69 1.24 -41.33
C TYR B 200 -0.06 -0.12 -41.19
N ARG B 201 -0.66 -1.12 -41.85
CA ARG B 201 -0.21 -2.49 -41.77
C ARG B 201 -0.12 -3.08 -43.17
N GLU B 202 1.09 -3.47 -43.56
CA GLU B 202 1.41 -3.87 -44.94
C GLU B 202 0.85 -2.87 -45.95
N GLY B 203 1.01 -1.58 -45.64
CA GLY B 203 0.60 -0.50 -46.53
C GLY B 203 -0.84 -0.06 -46.41
N LYS B 204 -1.67 -0.88 -45.75
CA LYS B 204 -3.11 -0.62 -45.67
C LYS B 204 -3.46 0.20 -44.43
N ALA B 205 -4.36 1.17 -44.60
CA ALA B 205 -4.81 2.00 -43.48
C ALA B 205 -5.79 1.18 -42.66
N VAL B 206 -5.57 1.08 -41.34
CA VAL B 206 -6.39 0.22 -40.50
C VAL B 206 -6.67 0.81 -39.11
N HIS B 207 -7.81 0.43 -38.54
CA HIS B 207 -8.11 0.68 -37.14
C HIS B 207 -8.39 -0.64 -36.46
N VAL B 208 -8.18 -0.68 -35.14
CA VAL B 208 -8.42 -1.87 -34.35
C VAL B 208 -9.89 -2.30 -34.51
N SER B 209 -10.14 -3.61 -34.62
CA SER B 209 -11.51 -4.11 -34.72
C SER B 209 -12.10 -4.40 -33.33
N PRO B 210 -13.42 -4.50 -33.24
CA PRO B 210 -13.98 -4.91 -31.94
C PRO B 210 -13.59 -6.34 -31.56
N GLY B 211 -13.44 -6.61 -30.27
CA GLY B 211 -13.12 -7.95 -29.80
C GLY B 211 -13.42 -8.07 -28.31
N ALA B 212 -13.59 -9.29 -27.81
CA ALA B 212 -13.92 -9.48 -26.39
C ALA B 212 -12.84 -8.84 -25.52
N LEU B 213 -13.29 -8.14 -24.48
CA LEU B 213 -12.39 -7.51 -23.51
C LEU B 213 -11.42 -6.53 -24.16
N ASP B 214 -11.78 -5.99 -25.32
CA ASP B 214 -10.90 -5.02 -26.00
C ASP B 214 -10.64 -3.75 -25.20
N ALA B 215 -11.69 -3.14 -24.69
CA ALA B 215 -11.55 -1.92 -23.91
C ALA B 215 -10.58 -2.15 -22.75
N GLU B 216 -10.76 -3.28 -22.06
CA GLU B 216 -10.02 -3.54 -20.84
C GLU B 216 -8.56 -3.91 -21.10
N ALA B 217 -8.28 -4.49 -22.26
CA ALA B 217 -6.95 -5.02 -22.50
C ALA B 217 -6.11 -4.16 -23.43
N TYR B 218 -6.73 -3.50 -24.42
CA TYR B 218 -5.93 -2.82 -25.47
C TYR B 218 -6.68 -1.72 -26.22
N GLY B 219 -7.74 -1.15 -25.61
CA GLY B 219 -8.63 -0.30 -26.39
C GLY B 219 -8.61 1.22 -26.23
N VAL B 220 -7.61 1.79 -25.57
CA VAL B 220 -7.63 3.22 -25.34
C VAL B 220 -6.95 3.93 -26.52
N LYS B 221 -7.50 5.07 -26.95
CA LYS B 221 -6.85 5.95 -27.96
C LYS B 221 -6.56 7.29 -27.30
N SER B 222 -5.43 7.92 -27.62
CA SER B 222 -5.07 9.12 -26.90
C SER B 222 -4.09 9.96 -27.74
N THR B 223 -3.89 11.19 -27.29
CA THR B 223 -2.98 12.12 -27.97
C THR B 223 -1.63 12.19 -27.25
N ILE B 224 -0.62 12.78 -27.89
CA ILE B 224 0.66 12.91 -27.23
C ILE B 224 0.60 13.83 -26.00
N GLU B 225 -0.27 14.84 -26.04
CA GLU B 225 -0.45 15.74 -24.91
C GLU B 225 -1.07 15.03 -23.74
N ASP B 226 -2.12 14.29 -23.99
CA ASP B 226 -2.76 13.56 -22.88
C ASP B 226 -1.82 12.50 -22.30
N MET B 227 -1.11 11.80 -23.17
CA MET B 227 -0.15 10.80 -22.70
C MET B 227 0.99 11.42 -21.89
N ALA B 228 1.40 12.65 -22.22
CA ALA B 228 2.41 13.30 -21.41
C ALA B 228 1.84 13.56 -20.02
N ARG B 229 0.57 13.97 -19.96
CA ARG B 229 -0.09 14.20 -18.68
C ARG B 229 -0.17 12.91 -17.90
N TRP B 230 -0.44 11.82 -18.61
CA TRP B 230 -0.47 10.47 -18.00
C TRP B 230 0.88 10.12 -17.38
N VAL B 231 1.98 10.40 -18.11
CA VAL B 231 3.30 10.19 -17.51
C VAL B 231 3.54 11.08 -16.30
N GLN B 232 3.17 12.37 -16.39
CA GLN B 232 3.38 13.25 -15.25
C GLN B 232 2.66 12.75 -14.02
N SER B 233 1.45 12.23 -14.25
CA SER B 233 0.61 11.77 -13.16
C SER B 233 1.20 10.55 -12.50
N ASN B 234 1.78 9.69 -13.32
CA ASN B 234 2.38 8.47 -12.82
C ASN B 234 3.77 8.72 -12.21
N LEU B 235 4.46 9.78 -12.67
CA LEU B 235 5.70 10.22 -12.04
C LEU B 235 5.47 10.80 -10.66
N LYS B 236 4.40 11.58 -10.51
CA LYS B 236 4.17 12.35 -9.29
C LYS B 236 2.75 12.17 -8.74
N PRO B 237 2.42 10.96 -8.28
CA PRO B 237 1.01 10.75 -7.92
C PRO B 237 0.57 11.60 -6.71
N LEU B 238 1.52 12.04 -5.88
CA LEU B 238 1.15 12.86 -4.74
C LEU B 238 0.58 14.22 -5.15
N ASP B 239 0.77 14.64 -6.40
CA ASP B 239 0.20 15.93 -6.83
C ASP B 239 -1.26 15.80 -7.22
N ILE B 240 -1.71 14.57 -7.38
CA ILE B 240 -3.10 14.29 -7.74
C ILE B 240 -4.07 14.53 -6.56
N ASN B 241 -5.10 15.36 -6.77
CA ASN B 241 -5.98 15.75 -5.66
C ASN B 241 -7.01 14.71 -5.21
N GLU B 242 -7.48 13.89 -6.15
CA GLU B 242 -8.41 12.80 -5.85
C GLU B 242 -7.69 11.70 -5.12
N LYS B 243 -8.07 11.51 -3.85
CA LYS B 243 -7.36 10.62 -2.94
C LYS B 243 -7.25 9.19 -3.42
N THR B 244 -8.38 8.61 -3.81
CA THR B 244 -8.31 7.21 -4.29
C THR B 244 -7.50 7.03 -5.59
N LEU B 245 -7.45 8.04 -6.45
CA LEU B 245 -6.69 7.91 -7.70
C LEU B 245 -5.19 8.01 -7.41
N GLN B 246 -4.86 8.88 -6.46
CA GLN B 246 -3.48 9.01 -6.01
C GLN B 246 -3.00 7.65 -5.48
N GLN B 247 -3.79 7.04 -4.60
CA GLN B 247 -3.45 5.74 -4.06
C GLN B 247 -3.45 4.67 -5.14
N GLY B 248 -4.39 4.77 -6.08
CA GLY B 248 -4.48 3.79 -7.15
C GLY B 248 -3.25 3.76 -8.03
N ILE B 249 -2.72 4.94 -8.33
CA ILE B 249 -1.48 5.03 -9.14
C ILE B 249 -0.34 4.37 -8.38
N GLN B 250 -0.25 4.67 -7.09
CA GLN B 250 0.81 4.07 -6.28
C GLN B 250 0.66 2.55 -6.25
N LEU B 251 -0.57 2.07 -6.10
CA LEU B 251 -0.82 0.62 -6.09
C LEU B 251 -0.41 -0.05 -7.43
N ALA B 252 -0.60 0.64 -8.54
CA ALA B 252 -0.27 0.05 -9.83
C ALA B 252 1.25 -0.05 -10.06
N GLN B 253 2.04 0.72 -9.29
CA GLN B 253 3.51 0.62 -9.36
C GLN B 253 4.12 -0.17 -8.24
N SER B 254 3.29 -0.74 -7.36
CA SER B 254 3.77 -1.68 -6.37
C SER B 254 4.30 -2.93 -7.03
N ARG B 255 5.24 -3.61 -6.38
CA ARG B 255 5.93 -4.77 -7.01
C ARG B 255 5.32 -6.04 -6.41
N TYR B 256 4.54 -6.77 -7.20
CA TYR B 256 3.79 -7.94 -6.73
C TYR B 256 4.52 -9.26 -6.94
N TRP B 257 5.25 -9.36 -8.06
CA TRP B 257 5.99 -10.56 -8.44
C TRP B 257 7.31 -10.15 -9.07
N GLN B 258 8.33 -11.00 -8.92
CA GLN B 258 9.55 -10.79 -9.64
C GLN B 258 9.82 -11.96 -10.59
N THR B 259 10.24 -11.62 -11.82
CA THR B 259 10.85 -12.58 -12.71
C THR B 259 12.11 -11.97 -13.30
N GLY B 260 13.23 -12.66 -13.07
CA GLY B 260 14.53 -12.10 -13.42
C GLY B 260 14.75 -10.73 -12.78
N ASP B 261 15.04 -9.73 -13.61
CA ASP B 261 15.24 -8.40 -13.09
C ASP B 261 14.00 -7.48 -13.23
N MET B 262 12.84 -8.06 -13.57
CA MET B 262 11.61 -7.27 -13.72
C MET B 262 10.57 -7.57 -12.64
N TYR B 263 9.81 -6.55 -12.27
CA TYR B 263 8.76 -6.69 -11.28
C TYR B 263 7.44 -6.38 -11.97
N GLN B 264 6.40 -7.17 -11.67
CA GLN B 264 5.09 -6.94 -12.30
C GLN B 264 4.24 -6.06 -11.39
N GLY B 265 3.76 -4.94 -11.94
CA GLY B 265 2.82 -4.08 -11.22
C GLY B 265 1.41 -4.37 -11.75
N LEU B 266 0.48 -3.43 -11.56
CA LEU B 266 -0.84 -3.57 -12.21
C LEU B 266 -0.77 -2.81 -13.54
N GLY B 267 -0.67 -3.57 -14.63
CA GLY B 267 -0.39 -3.01 -15.95
C GLY B 267 1.06 -2.55 -16.18
N TRP B 268 1.56 -1.65 -15.33
CA TRP B 268 2.96 -1.26 -15.42
C TRP B 268 3.92 -2.41 -15.11
N GLU B 269 5.08 -2.36 -15.76
CA GLU B 269 6.21 -3.23 -15.44
C GLU B 269 7.35 -2.36 -14.95
N MET B 270 8.12 -2.85 -13.98
CA MET B 270 9.19 -2.07 -13.33
C MET B 270 10.52 -2.81 -13.17
N LEU B 271 11.61 -2.05 -13.24
CA LEU B 271 12.95 -2.59 -12.97
C LEU B 271 13.69 -1.58 -12.10
N ASP B 272 14.65 -2.02 -11.29
CA ASP B 272 15.44 -1.05 -10.52
C ASP B 272 16.26 -0.15 -11.47
N TRP B 273 16.35 1.14 -11.12
CA TRP B 273 17.21 2.09 -11.83
C TRP B 273 18.48 2.30 -11.00
N PRO B 274 19.65 2.27 -11.64
CA PRO B 274 19.91 2.14 -13.07
C PRO B 274 19.63 0.73 -13.58
N VAL B 275 19.19 0.62 -14.83
CA VAL B 275 18.82 -0.65 -15.44
C VAL B 275 19.91 -1.02 -16.40
N ASN B 276 19.96 -2.31 -16.69
CA ASN B 276 20.78 -2.82 -17.76
C ASN B 276 20.01 -2.62 -19.05
N PRO B 277 20.49 -1.74 -19.94
CA PRO B 277 19.67 -1.50 -21.14
C PRO B 277 19.48 -2.76 -21.97
N ASP B 278 20.46 -3.65 -22.04
CA ASP B 278 20.30 -4.88 -22.82
C ASP B 278 19.10 -5.69 -22.35
N SER B 279 18.94 -5.72 -21.03
CA SER B 279 17.86 -6.49 -20.45
C SER B 279 16.47 -5.96 -20.85
N ILE B 280 16.23 -4.64 -20.77
CA ILE B 280 14.93 -4.10 -21.17
C ILE B 280 14.72 -4.15 -22.68
N ILE B 281 15.79 -3.90 -23.41
CA ILE B 281 15.69 -3.96 -24.86
C ILE B 281 15.44 -5.40 -25.33
N ASN B 282 16.31 -6.33 -24.94
CA ASN B 282 16.07 -7.72 -25.31
C ASN B 282 14.80 -8.31 -24.70
N GLY B 283 14.50 -7.94 -23.46
CA GLY B 283 13.32 -8.48 -22.79
C GLY B 283 12.04 -8.04 -23.45
N SER B 284 12.09 -6.95 -24.23
CA SER B 284 10.88 -6.43 -24.83
C SER B 284 10.53 -7.22 -26.10
N ASP B 285 11.47 -7.99 -26.64
CA ASP B 285 11.18 -8.85 -27.79
C ASP B 285 10.09 -9.82 -27.42
N ASN B 286 9.09 -9.99 -28.29
CA ASN B 286 7.98 -10.89 -27.96
C ASN B 286 8.36 -12.37 -27.72
N LYS B 287 9.49 -12.83 -28.25
CA LYS B 287 9.89 -14.21 -27.96
C LYS B 287 10.17 -14.37 -26.48
N ILE B 288 10.55 -13.28 -25.81
CA ILE B 288 10.67 -13.29 -24.35
C ILE B 288 9.41 -12.75 -23.66
N ALA B 289 8.95 -11.59 -24.12
CA ALA B 289 7.85 -10.88 -23.44
C ALA B 289 6.52 -11.66 -23.40
N LEU B 290 6.33 -12.57 -24.35
CA LEU B 290 5.12 -13.38 -24.41
C LEU B 290 5.31 -14.81 -23.87
N ALA B 291 6.51 -15.09 -23.38
CA ALA B 291 6.84 -16.44 -22.90
C ALA B 291 6.52 -16.60 -21.41
N ALA B 292 6.12 -17.80 -21.00
CA ALA B 292 5.94 -18.08 -19.58
C ALA B 292 7.27 -17.97 -18.82
N ARG B 293 7.23 -17.35 -17.65
CA ARG B 293 8.40 -17.26 -16.76
C ARG B 293 7.97 -17.52 -15.33
N PRO B 294 8.80 -18.24 -14.55
CA PRO B 294 8.40 -18.47 -13.15
C PRO B 294 8.49 -17.19 -12.34
N VAL B 295 7.54 -17.01 -11.40
CA VAL B 295 7.53 -15.81 -10.56
C VAL B 295 7.80 -16.12 -9.09
N LYS B 296 8.43 -15.18 -8.39
CA LYS B 296 8.63 -15.25 -6.96
C LYS B 296 7.68 -14.21 -6.40
N ALA B 297 6.87 -14.63 -5.46
CA ALA B 297 5.89 -13.71 -4.86
C ALA B 297 6.68 -12.73 -4.04
N ILE B 298 6.24 -11.47 -4.01
CA ILE B 298 6.85 -10.48 -3.15
C ILE B 298 5.82 -10.24 -2.04
N THR B 299 6.15 -10.72 -0.83
CA THR B 299 5.14 -10.90 0.22
C THR B 299 5.54 -10.11 1.44
N PRO B 300 4.92 -8.94 1.67
CA PRO B 300 3.88 -8.29 0.88
C PRO B 300 4.48 -7.47 -0.26
N PRO B 301 3.65 -6.92 -1.15
CA PRO B 301 4.24 -6.24 -2.30
C PRO B 301 5.04 -5.02 -1.86
N THR B 302 6.10 -4.71 -2.58
CA THR B 302 6.90 -3.53 -2.26
C THR B 302 6.20 -2.30 -2.78
N PRO B 303 6.01 -1.28 -1.91
CA PRO B 303 5.40 -0.05 -2.42
C PRO B 303 6.23 0.55 -3.53
N ALA B 304 5.56 1.28 -4.41
CA ALA B 304 6.25 1.93 -5.55
C ALA B 304 7.63 2.52 -5.24
N VAL B 305 8.62 2.03 -5.98
CA VAL B 305 10.00 2.38 -5.76
C VAL B 305 10.36 3.56 -6.66
N ARG B 306 10.81 4.66 -6.08
CA ARG B 306 11.09 5.86 -6.87
C ARG B 306 12.21 5.64 -7.87
N ALA B 307 13.26 4.96 -7.44
CA ALA B 307 14.36 4.58 -8.33
C ALA B 307 14.04 3.33 -9.17
N SER B 308 13.09 3.51 -10.11
CA SER B 308 12.65 2.46 -11.02
C SER B 308 12.62 2.96 -12.42
N TRP B 309 12.87 2.07 -13.38
CA TRP B 309 12.47 2.30 -14.75
C TRP B 309 11.08 1.66 -14.86
N VAL B 310 10.04 2.45 -15.11
CA VAL B 310 8.67 1.93 -15.15
C VAL B 310 8.21 2.06 -16.59
N HIS B 311 7.64 0.99 -17.21
CA HIS B 311 7.38 1.08 -18.63
C HIS B 311 6.32 0.13 -19.14
N LYS B 312 5.88 0.31 -20.38
CA LYS B 312 4.93 -0.59 -21.01
C LYS B 312 5.01 -0.42 -22.53
N THR B 313 5.11 -1.53 -23.25
CA THR B 313 4.95 -1.55 -24.71
C THR B 313 3.45 -1.70 -25.11
N GLY B 314 3.10 -1.22 -26.30
CA GLY B 314 1.76 -1.49 -26.75
C GLY B 314 1.68 -1.55 -28.25
N ALA B 315 0.88 -2.46 -28.77
CA ALA B 315 0.69 -2.49 -30.21
C ALA B 315 -0.75 -2.85 -30.57
N THR B 316 -1.19 -2.36 -31.72
CA THR B 316 -2.32 -2.98 -32.42
C THR B 316 -1.87 -3.34 -33.83
N GLY B 317 -2.80 -3.81 -34.67
CA GLY B 317 -2.45 -4.14 -36.03
C GLY B 317 -1.71 -3.02 -36.72
N GLY B 318 -2.12 -1.78 -36.48
CA GLY B 318 -1.57 -0.64 -37.21
C GLY B 318 -0.77 0.36 -36.40
N PHE B 319 -0.56 0.10 -35.12
CA PHE B 319 0.10 1.09 -34.26
C PHE B 319 1.15 0.48 -33.35
N GLY B 320 2.16 1.27 -32.97
CA GLY B 320 3.11 0.83 -31.96
C GLY B 320 3.40 1.99 -31.02
N SER B 321 3.29 1.70 -29.72
CA SER B 321 3.46 2.70 -28.67
CA SER B 321 3.46 2.70 -28.67
C SER B 321 4.43 2.24 -27.60
N TYR B 322 5.00 3.20 -26.87
CA TYR B 322 5.84 2.90 -25.75
C TYR B 322 5.84 4.05 -24.76
N VAL B 323 5.84 3.70 -23.48
CA VAL B 323 5.90 4.69 -22.40
C VAL B 323 6.91 4.20 -21.40
N ALA B 324 7.76 5.10 -20.93
CA ALA B 324 8.78 4.77 -19.95
C ALA B 324 9.09 6.01 -19.09
N PHE B 325 9.25 5.82 -17.79
CA PHE B 325 9.63 6.93 -16.90
C PHE B 325 10.38 6.47 -15.64
N ILE B 326 11.06 7.42 -14.99
CA ILE B 326 11.90 7.16 -13.83
C ILE B 326 11.49 8.19 -12.76
N PRO B 327 10.68 7.78 -11.78
CA PRO B 327 10.14 8.72 -10.80
C PRO B 327 11.20 9.55 -10.10
N GLU B 328 12.26 8.91 -9.65
CA GLU B 328 13.35 9.60 -8.95
C GLU B 328 13.96 10.76 -9.74
N LYS B 329 13.93 10.66 -11.07
CA LYS B 329 14.57 11.65 -11.95
C LYS B 329 13.58 12.64 -12.57
N GLU B 330 12.30 12.49 -12.26
CA GLU B 330 11.24 13.32 -12.82
C GLU B 330 11.33 13.32 -14.35
N LEU B 331 11.60 12.14 -14.90
CA LEU B 331 11.98 12.04 -16.29
C LEU B 331 11.15 10.98 -16.98
N GLY B 332 10.68 11.25 -18.19
CA GLY B 332 9.93 10.23 -18.88
C GLY B 332 9.78 10.44 -20.37
N ILE B 333 9.25 9.44 -21.05
CA ILE B 333 9.04 9.55 -22.48
C ILE B 333 7.79 8.83 -22.98
N VAL B 334 7.11 9.42 -23.96
CA VAL B 334 6.04 8.72 -24.67
C VAL B 334 6.35 8.68 -26.16
N MET B 335 6.19 7.53 -26.80
CA MET B 335 6.47 7.43 -28.23
C MET B 335 5.25 6.77 -28.87
N LEU B 336 4.53 7.51 -29.72
CA LEU B 336 3.35 6.96 -30.40
C LEU B 336 3.54 6.97 -31.89
N ALA B 337 3.31 5.82 -32.54
CA ALA B 337 3.55 5.69 -33.99
C ALA B 337 2.38 4.98 -34.65
N ASN B 338 2.07 5.34 -35.88
CA ASN B 338 0.96 4.66 -36.56
C ASN B 338 1.49 3.59 -37.53
N LYS B 339 2.45 2.83 -37.03
CA LYS B 339 2.89 1.56 -37.59
C LYS B 339 3.37 0.71 -36.42
N ASN B 340 3.06 -0.58 -36.43
CA ASN B 340 3.53 -1.51 -35.41
C ASN B 340 4.94 -2.01 -35.73
N TYR B 341 5.95 -1.37 -35.18
CA TYR B 341 7.34 -1.74 -35.49
C TYR B 341 7.94 -2.40 -34.24
N PRO B 342 9.02 -3.21 -34.40
CA PRO B 342 9.51 -4.07 -33.31
C PRO B 342 9.72 -3.39 -31.94
N ASN B 343 9.26 -4.03 -30.87
CA ASN B 343 9.47 -3.51 -29.52
C ASN B 343 10.94 -3.11 -29.22
N PRO B 344 11.92 -3.98 -29.54
CA PRO B 344 13.28 -3.60 -29.10
C PRO B 344 13.75 -2.25 -29.67
N ALA B 345 13.29 -1.93 -30.87
CA ALA B 345 13.63 -0.63 -31.44
C ALA B 345 13.07 0.54 -30.64
N ARG B 346 11.87 0.37 -30.08
CA ARG B 346 11.26 1.43 -29.27
C ARG B 346 12.07 1.65 -28.00
N VAL B 347 12.43 0.54 -27.38
CA VAL B 347 13.00 0.60 -26.05
C VAL B 347 14.43 1.16 -26.21
N ASP B 348 15.09 0.75 -27.28
CA ASP B 348 16.45 1.23 -27.52
C ASP B 348 16.46 2.76 -27.66
N ALA B 349 15.52 3.28 -28.46
CA ALA B 349 15.41 4.72 -28.68
C ALA B 349 15.09 5.44 -27.37
N ALA B 350 14.11 4.93 -26.63
CA ALA B 350 13.73 5.50 -25.35
C ALA B 350 14.91 5.52 -24.38
N TRP B 351 15.67 4.43 -24.34
CA TRP B 351 16.87 4.38 -23.48
C TRP B 351 17.91 5.41 -23.89
N GLN B 352 18.16 5.54 -25.18
CA GLN B 352 19.15 6.50 -25.62
C GLN B 352 18.77 7.90 -25.14
N ILE B 353 17.50 8.23 -25.28
CA ILE B 353 17.04 9.56 -24.91
C ILE B 353 17.08 9.79 -23.41
N LEU B 354 16.44 8.92 -22.63
CA LEU B 354 16.37 9.15 -21.19
C LEU B 354 17.75 9.03 -20.54
N ASN B 355 18.60 8.13 -21.04
CA ASN B 355 19.92 7.95 -20.44
C ASN B 355 20.75 9.19 -20.66
N ALA B 356 20.47 9.90 -21.75
CA ALA B 356 21.24 11.09 -22.11
C ALA B 356 20.86 12.28 -21.23
N LEU B 357 19.62 12.26 -20.74
CA LEU B 357 19.05 13.40 -20.04
C LEU B 357 19.10 13.26 -18.52
N GLN B 358 19.38 12.05 -18.05
CA GLN B 358 19.31 11.73 -16.64
C GLN B 358 20.43 12.36 -15.81
B03 NL9 C . 1.90 -4.82 26.13
O04 NL9 C . 1.28 -3.82 27.08
O05 NL9 C . 0.77 -5.75 25.81
C06 NL9 C . 3.07 -5.51 26.96
C07 NL9 C . 3.40 -6.87 27.05
N08 NL9 C . 4.44 -6.98 27.89
N09 NL9 C . 4.77 -5.77 28.39
C10 NL9 C . 5.73 -5.54 29.31
C11 NL9 C . 5.59 -4.49 30.20
C12 NL9 C . 6.56 -4.26 31.17
C13 NL9 C . 7.65 -5.09 31.28
C14 NL9 C . 7.76 -6.16 30.42
CL1 NL9 C . 9.15 -7.23 30.56
C16 NL9 C . 6.81 -6.41 29.44
C17 NL9 C . 3.95 -4.87 27.82
B03 NL9 D . 3.57 -2.89 2.64
B03 NL9 D . -2.59 -4.24 -2.88
O04 NL9 D . 4.84 -2.63 1.96
O04 NL9 D . -3.88 -4.15 -2.21
O05 NL9 D . 3.60 -3.49 3.94
O05 NL9 D . -2.59 -3.83 -4.24
C06 NL9 D . 2.11 -2.99 1.87
C06 NL9 D . -1.19 -3.87 -2.08
C07 NL9 D . 0.88 -2.96 2.51
C07 NL9 D . -0.05 -3.32 -2.68
N08 NL9 D . -0.08 -3.08 1.58
N08 NL9 D . 0.88 -3.17 -1.71
N09 NL9 D . 0.52 -3.16 0.34
N09 NL9 D . 0.37 -3.64 -0.53
C10 NL9 D . -0.15 -3.28 -0.82
C10 NL9 D . 1.02 -3.60 0.65
C11 NL9 D . 0.46 -2.90 -2.00
C11 NL9 D . 0.30 -3.47 1.82
C12 NL9 D . -0.23 -3.04 -3.19
C12 NL9 D . 0.97 -3.37 3.03
C13 NL9 D . -1.53 -3.55 -3.21
C13 NL9 D . 2.35 -3.41 3.08
C14 NL9 D . -2.14 -3.93 -2.03
C14 NL9 D . 3.06 -3.52 1.91
CL1 NL9 D . -3.74 -4.59 -2.07
CL1 NL9 D . 4.78 -3.56 1.95
C16 NL9 D . -1.44 -3.80 -0.84
C16 NL9 D . 2.40 -3.61 0.69
C17 NL9 D . 1.85 -3.11 0.51
C17 NL9 D . -0.90 -4.06 -0.74
P PO4 E . 6.56 23.28 27.49
O1 PO4 E . 6.43 23.31 25.97
O2 PO4 E . 7.13 21.94 27.95
O3 PO4 E . 7.57 24.34 27.90
O4 PO4 E . 5.18 23.52 28.06
P PO4 F . 20.23 -5.88 16.73
O1 PO4 F . 20.56 -6.25 15.31
O2 PO4 F . 21.42 -6.29 17.56
O3 PO4 F . 20.01 -4.36 16.85
O4 PO4 F . 18.96 -6.55 17.17
B03 NL9 G . -0.74 -5.48 -26.35
O04 NL9 G . -0.38 -4.43 -27.28
O05 NL9 G . 0.50 -6.15 -25.97
C06 NL9 G . -1.73 -6.46 -27.11
C07 NL9 G . -1.76 -7.84 -27.17
N08 NL9 G . -2.74 -8.21 -28.01
N09 NL9 G . -3.35 -7.09 -28.51
C10 NL9 G . -4.34 -7.05 -29.45
C11 NL9 G . -4.41 -5.97 -30.34
C12 NL9 G . -5.41 -5.94 -31.33
C13 NL9 G . -6.28 -7.00 -31.44
C14 NL9 G . -6.20 -8.10 -30.60
CL1 NL9 G . -7.31 -9.42 -30.70
C16 NL9 G . -5.22 -8.12 -29.62
C17 NL9 G . -2.72 -6.02 -28.00
#